data_5F0N
#
_entry.id   5F0N
#
_cell.length_a   238.210
_cell.length_b   238.210
_cell.length_c   80.660
_cell.angle_alpha   90.000
_cell.angle_beta   90.000
_cell.angle_gamma   120.000
#
_symmetry.space_group_name_H-M   'H 3'
#
_entity_poly.entity_id   1
_entity_poly.type   'polypeptide(L)'
_entity_poly.pdbx_seq_one_letter_code
;(UNK)(UNK)(UNK)(UNK)(UNK)(UNK)(UNK)(UNK)(UNK)(UNK)(UNK)(UNK)(UNK)(UNK)(UNK)(UNK)
(UNK)(UNK)(UNK)(UNK)(UNK)(UNK)(UNK)(UNK)(UNK)(UNK)(UNK)(UNK)(UNK)(UNK)(UNK)(UNK)
DLRSLERYRADLIDRKILRNKDHGVRAFAACCLSDILRLYAPDAPYTDKELTEIFRLFLAQLKLLQEPENGYLTQQTYLI
NNLLEYRSIVILTDLPSSSQLVEELFNIFYSPTNSTIQGNMFTAIGGILGEVISECDSLPMSALKMVFNKFLSHKRAESL
DGINYKKDPGFEISLIICQTYSNRLGRHFIKFYSEIMYEVLGESDIHEKGIASSAYKTLVKIGNLTSELWKYAPELVGSV
TGLLYQLLCSDNELFRESATKCVSKMLGTHSLINFAVAHSDTYKIWLSKMADISPHVRQAWVSEIPSILMSRSDLSDDIS
KGLAKALIDSDHTVRLSAIQTFHEVPVKRLWECLPNAAVFAGLVHLTRETRRDLRDECIDAVARIYTESIESIPKTNENK
EIWGVVETIPSACFNLYYINDLEINMKVDLLTFEKFLPLGLSNEEFVQRLLTLLQGFNEKAFSSFYAFNRRQDQMSTVLW
KFIEFCEETNSQSPAASLSDTKLIKTVEWISSGFPSHLNVEQILLAFRELNDRRLYRLIKVAVAETSKHLTVRNAVSELF
KRLEEPELFRKKNIKIESRFTRDNFSTVFRVLIYRAAPIIFNISNLPSFLNTSDSSNEDEKALKRQLIDNISIIKPGIFK
DQVKNLVTIITEGETTGPGNTLSLAEAMRTVYKISKDKREHLDIEENTFFFQKLEDYAKEGNPLEAKYAIKLLGLAPNAA
EYLSEVATAILPLDLKSKHFASNVLVLAEITKMQPQLLEKDSTEIVGLLIKDVLLSNDVVGDEDDQQAWFSDEDIYTGKA
DALSAKVFSLKLFANKIKVMAPDAHADEMTHAFTERTLKLFFYLVASGGELVSESNTDNYPTPANYQNKLRCCAGLHILK
ITKIASLSRFIKPQDISKLMNLVEDESLEVRSSFIGRLKDFLGDGSISIKFLPLVFFTAYEPDQALRTSTKMWINYTLSK
ENFRKGTFFERALPRLIHFIAHHPDVAEGLRLRETAFLTGLTTAIDYLVFYADSVLKASNLALLYYLAGRVRQY(UNK)
(UNK)(UNK)(UNK)(UNK)(UNK)(UNK)(UNK)(UNK)(UNK)(UNK)(UNK)(UNK)(UNK)(UNK)(UNK)(UNK)
(UNK)(UNK)(UNK)(UNK)(UNK)(UNK)(UNK)(UNK)(UNK)(UNK)(UNK)(UNK)(UNK)(UNK)(UNK)(UNK)
(UNK)(UNK)(UNK)(UNK)(UNK)(UNK)(UNK)(UNK)(UNK)(UNK)(UNK)(UNK)(UNK)(UNK)(UNK)(UNK)
(UNK)(UNK)(UNK)(UNK)(UNK)(UNK)(UNK)(UNK)(UNK)(UNK)(UNK)(UNK)(UNK)(UNK)(UNK)(UNK)
(UNK)(UNK)(UNK)(UNK)(UNK)(UNK)(UNK)(UNK)(UNK)(UNK)(UNK)(UNK)(UNK)(UNK)(UNK)(UNK)
(UNK)(UNK)(UNK)(UNK)(UNK)(UNK)(UNK)(UNK)(UNK)(UNK)(UNK)(UNK)(UNK)(UNK)(UNK)(UNK)
(UNK)(UNK)(UNK)(UNK)(UNK)(UNK)(UNK)(UNK)(UNK)(UNK)(UNK)(UNK)
;
_entity_poly.pdbx_strand_id   A
#
# COMPACT_ATOMS: atom_id res chain seq x y z
N UNK A 16 -52.64 -66.88 -21.90
CA UNK A 16 -51.96 -65.80 -21.21
C UNK A 16 -52.88 -64.59 -21.07
N UNK A 17 -53.75 -64.39 -22.05
CA UNK A 17 -54.67 -63.26 -22.05
C UNK A 17 -55.69 -63.39 -20.92
N UNK A 18 -56.07 -64.62 -20.61
CA UNK A 18 -57.02 -64.88 -19.53
C UNK A 18 -56.32 -64.75 -18.18
N UNK A 19 -55.03 -65.03 -18.17
CA UNK A 19 -54.23 -64.93 -16.94
C UNK A 19 -54.19 -63.49 -16.46
N UNK A 20 -54.09 -62.55 -17.40
CA UNK A 20 -54.07 -61.13 -17.08
C UNK A 20 -55.41 -60.71 -16.48
N UNK A 21 -56.47 -61.40 -16.87
CA UNK A 21 -57.80 -61.13 -16.33
C UNK A 21 -57.98 -61.79 -14.97
N UNK A 22 -57.16 -62.80 -14.70
CA UNK A 22 -57.25 -63.55 -13.45
C UNK A 22 -56.52 -62.83 -12.32
N UNK A 23 -55.27 -62.45 -12.56
CA UNK A 23 -54.49 -61.66 -11.61
C UNK A 23 -55.21 -60.34 -11.35
N UNK A 24 -55.94 -59.87 -12.36
CA UNK A 24 -56.78 -58.69 -12.20
C UNK A 24 -57.87 -58.97 -11.16
N UNK A 25 -58.58 -60.09 -11.30
CA UNK A 25 -59.66 -60.44 -10.37
C UNK A 25 -59.18 -60.52 -8.93
N UNK A 26 -57.95 -61.01 -8.76
CA UNK A 26 -57.37 -61.20 -7.43
C UNK A 26 -57.02 -59.86 -6.76
N UNK A 27 -56.77 -58.84 -7.58
CA UNK A 27 -56.41 -57.52 -7.05
C UNK A 27 -57.64 -56.75 -6.60
N UNK A 28 -58.70 -56.80 -7.41
CA UNK A 28 -59.97 -56.19 -7.06
C UNK A 28 -60.52 -56.88 -5.80
N UNK A 29 -60.19 -58.16 -5.67
CA UNK A 29 -60.59 -58.94 -4.51
C UNK A 29 -59.76 -58.57 -3.28
N UNK A 30 -58.44 -58.57 -3.44
CA UNK A 30 -57.53 -58.28 -2.33
C UNK A 30 -57.72 -56.87 -1.81
N UNK A 31 -57.91 -55.91 -2.71
CA UNK A 31 -58.06 -54.52 -2.34
C UNK A 31 -59.30 -54.28 -1.47
N UNK A 32 -60.29 -55.15 -1.61
CA UNK A 32 -61.53 -55.01 -0.85
C UNK A 32 -61.39 -55.65 0.53
N ASP A 33 -60.82 -67.13 6.85
CA ASP A 33 -60.58 -66.24 5.72
C ASP A 33 -59.08 -66.12 5.40
N LEU A 34 -58.25 -66.18 6.44
CA LEU A 34 -56.83 -65.91 6.26
C LEU A 34 -56.10 -67.07 5.62
N ARG A 35 -56.58 -68.31 5.81
CA ARG A 35 -55.96 -69.43 5.12
C ARG A 35 -56.44 -69.57 3.68
N SER A 36 -57.55 -68.91 3.34
CA SER A 36 -57.98 -68.89 1.94
C SER A 36 -57.03 -68.07 1.09
N LEU A 37 -56.57 -66.93 1.61
CA LEU A 37 -55.58 -66.12 0.90
C LEU A 37 -54.21 -66.78 0.87
N GLU A 38 -54.05 -67.92 1.52
CA GLU A 38 -52.82 -68.69 1.39
C GLU A 38 -52.79 -69.52 0.11
N ARG A 39 -53.96 -69.78 -0.50
CA ARG A 39 -54.00 -70.47 -1.79
C ARG A 39 -53.37 -69.61 -2.87
N TYR A 40 -53.75 -68.34 -2.95
CA TYR A 40 -53.12 -67.41 -3.88
C TYR A 40 -51.75 -66.96 -3.41
N ARG A 41 -51.48 -67.05 -2.11
CA ARG A 41 -50.16 -66.71 -1.59
C ARG A 41 -49.05 -67.43 -2.35
N ALA A 42 -49.16 -68.75 -2.45
CA ALA A 42 -48.18 -69.55 -3.19
C ALA A 42 -48.47 -69.60 -4.68
N ASP A 43 -49.71 -69.29 -5.09
CA ASP A 43 -50.00 -69.24 -6.52
C ASP A 43 -49.37 -68.02 -7.18
N LEU A 44 -49.24 -66.92 -6.43
CA LEU A 44 -48.63 -65.70 -6.96
C LEU A 44 -47.10 -65.77 -7.02
N ILE A 45 -46.49 -66.79 -6.41
CA ILE A 45 -45.03 -66.82 -6.35
C ILE A 45 -44.41 -67.31 -7.66
N ASP A 46 -45.15 -68.14 -8.41
CA ASP A 46 -44.57 -68.94 -9.48
C ASP A 46 -43.81 -68.06 -10.47
N ARG A 47 -42.71 -68.61 -11.00
CA ARG A 47 -41.73 -67.79 -11.71
C ARG A 47 -42.23 -67.38 -13.10
N LYS A 48 -42.88 -68.30 -13.85
CA LYS A 48 -43.23 -67.98 -15.24
C LYS A 48 -44.56 -67.19 -15.31
N ILE A 49 -44.94 -66.90 -14.07
CA ILE A 49 -46.01 -65.97 -13.76
C ILE A 49 -45.48 -64.68 -13.14
N LEU A 50 -44.35 -64.70 -12.43
CA LEU A 50 -43.80 -63.49 -11.83
C LEU A 50 -43.13 -62.57 -12.86
N ARG A 51 -41.91 -62.92 -13.30
CA ARG A 51 -41.16 -62.15 -14.29
C ARG A 51 -42.07 -61.61 -15.37
N ASN A 52 -42.79 -62.51 -16.04
CA ASN A 52 -43.71 -62.23 -17.13
C ASN A 52 -43.04 -61.51 -18.30
N LYS A 53 -43.40 -61.89 -19.51
CA LYS A 53 -42.68 -61.37 -20.67
C LYS A 53 -43.03 -59.91 -20.93
N ASP A 54 -44.31 -59.54 -20.83
CA ASP A 54 -44.69 -58.20 -21.23
C ASP A 54 -45.94 -57.73 -20.50
N HIS A 55 -46.14 -56.41 -20.58
CA HIS A 55 -47.33 -55.65 -20.22
C HIS A 55 -47.95 -56.02 -18.87
N GLY A 56 -49.13 -56.62 -18.90
CA GLY A 56 -50.05 -56.50 -17.79
C GLY A 56 -50.20 -57.64 -16.83
N VAL A 57 -49.48 -58.73 -17.02
CA VAL A 57 -49.54 -59.77 -15.99
C VAL A 57 -48.42 -59.57 -14.97
N ARG A 58 -47.31 -58.94 -15.36
CA ARG A 58 -46.24 -58.60 -14.43
C ARG A 58 -46.62 -57.40 -13.56
N ALA A 59 -47.23 -56.36 -14.15
CA ALA A 59 -47.58 -55.16 -13.40
C ALA A 59 -48.79 -55.38 -12.51
N PHE A 60 -49.73 -56.22 -12.95
CA PHE A 60 -50.93 -56.47 -12.16
C PHE A 60 -50.67 -57.48 -11.05
N ALA A 61 -49.64 -58.30 -11.19
CA ALA A 61 -49.30 -59.25 -10.13
C ALA A 61 -48.79 -58.52 -8.90
N ALA A 62 -47.94 -57.51 -9.09
CA ALA A 62 -47.31 -56.87 -7.95
C ALA A 62 -48.34 -56.19 -7.04
N CYS A 63 -49.41 -55.67 -7.64
CA CYS A 63 -50.45 -55.00 -6.86
C CYS A 63 -51.10 -55.95 -5.86
N CYS A 64 -51.48 -57.15 -6.32
CA CYS A 64 -51.96 -58.18 -5.40
C CYS A 64 -50.88 -58.55 -4.40
N LEU A 65 -49.64 -58.71 -4.89
CA LEU A 65 -48.54 -59.09 -4.01
C LEU A 65 -48.25 -57.98 -3.00
N SER A 66 -48.39 -56.72 -3.41
CA SER A 66 -48.17 -55.61 -2.49
C SER A 66 -49.21 -55.60 -1.38
N ASP A 67 -50.46 -55.88 -1.72
CA ASP A 67 -51.52 -55.90 -0.71
C ASP A 67 -51.36 -57.10 0.22
N ILE A 68 -50.96 -58.25 -0.31
CA ILE A 68 -50.94 -59.48 0.48
C ILE A 68 -49.93 -59.40 1.60
N LEU A 69 -48.91 -58.55 1.47
CA LEU A 69 -48.00 -58.32 2.59
C LEU A 69 -48.68 -57.45 3.65
N ARG A 70 -49.37 -56.39 3.23
CA ARG A 70 -50.22 -55.66 4.15
C ARG A 70 -51.36 -56.54 4.64
N LEU A 71 -52.08 -57.15 3.72
CA LEU A 71 -53.16 -58.07 4.06
C LEU A 71 -52.67 -59.01 5.15
N TYR A 72 -53.38 -59.00 6.28
CA TYR A 72 -52.79 -59.32 7.58
C TYR A 72 -51.81 -60.48 7.56
N ALA A 73 -50.53 -60.12 7.51
CA ALA A 73 -49.40 -61.00 7.77
C ALA A 73 -48.36 -60.30 8.66
N PRO A 74 -48.67 -60.02 9.93
CA PRO A 74 -47.62 -59.46 10.81
C PRO A 74 -46.42 -60.36 10.90
N ASP A 75 -46.57 -61.64 10.59
CA ASP A 75 -45.46 -62.54 10.37
C ASP A 75 -45.20 -62.67 8.88
N ALA A 76 -43.92 -62.61 8.49
CA ALA A 76 -43.56 -62.59 7.08
C ALA A 76 -43.82 -63.94 6.42
N PRO A 77 -44.70 -64.02 5.41
CA PRO A 77 -44.98 -65.32 4.78
C PRO A 77 -43.81 -65.84 3.95
N TYR A 78 -43.63 -65.27 2.76
CA TYR A 78 -42.56 -65.70 1.87
C TYR A 78 -41.21 -65.53 2.55
N THR A 79 -40.36 -66.54 2.38
CA THR A 79 -39.11 -66.62 3.13
C THR A 79 -38.13 -65.56 2.61
N ASP A 80 -36.90 -65.58 3.12
CA ASP A 80 -35.88 -64.63 2.66
C ASP A 80 -35.67 -64.73 1.16
N LYS A 81 -35.63 -65.95 0.62
CA LYS A 81 -35.30 -66.16 -0.78
C LYS A 81 -36.46 -65.84 -1.72
N GLU A 82 -37.61 -65.43 -1.21
CA GLU A 82 -38.72 -64.97 -2.03
C GLU A 82 -38.99 -63.48 -1.84
N LEU A 83 -39.02 -63.00 -0.60
CA LEU A 83 -38.96 -61.57 -0.33
C LEU A 83 -37.74 -60.92 -0.98
N THR A 84 -36.69 -61.69 -1.29
CA THR A 84 -35.57 -61.17 -2.06
C THR A 84 -35.92 -60.98 -3.53
N GLU A 85 -37.03 -61.54 -3.99
CA GLU A 85 -37.41 -61.46 -5.40
C GLU A 85 -38.81 -60.92 -5.63
N ILE A 86 -39.72 -60.99 -4.65
CA ILE A 86 -40.95 -60.21 -4.77
C ILE A 86 -40.61 -58.72 -4.82
N PHE A 87 -39.46 -58.32 -4.25
CA PHE A 87 -39.00 -56.95 -4.30
C PHE A 87 -38.16 -56.66 -5.53
N ARG A 88 -37.71 -57.69 -6.26
CA ARG A 88 -37.04 -57.43 -7.53
C ARG A 88 -38.01 -56.90 -8.56
N LEU A 89 -39.17 -57.55 -8.71
CA LEU A 89 -40.18 -57.05 -9.62
C LEU A 89 -40.98 -55.90 -9.04
N PHE A 90 -41.01 -55.76 -7.70
CA PHE A 90 -41.51 -54.52 -7.11
C PHE A 90 -40.69 -53.33 -7.59
N LEU A 91 -39.37 -53.46 -7.57
CA LEU A 91 -38.50 -52.39 -8.03
C LEU A 91 -38.59 -52.22 -9.54
N ALA A 92 -38.59 -53.33 -10.29
CA ALA A 92 -38.80 -53.28 -11.72
C ALA A 92 -40.19 -52.74 -12.09
N GLN A 93 -41.08 -52.63 -11.11
CA GLN A 93 -42.36 -51.94 -11.28
C GLN A 93 -42.25 -50.46 -10.92
N LEU A 94 -41.64 -50.17 -9.76
CA LEU A 94 -41.46 -48.79 -9.34
C LEU A 94 -40.49 -48.05 -10.25
N LYS A 95 -39.61 -48.77 -10.94
CA LYS A 95 -38.64 -48.12 -11.82
C LYS A 95 -39.33 -47.37 -12.94
N LEU A 96 -40.38 -47.96 -13.53
CA LEU A 96 -41.01 -47.38 -14.71
C LEU A 96 -42.18 -46.46 -14.37
N LEU A 97 -42.16 -45.85 -13.17
CA LEU A 97 -42.81 -44.55 -13.02
C LEU A 97 -42.06 -43.47 -13.78
N GLN A 98 -40.84 -43.76 -14.22
CA GLN A 98 -40.12 -42.91 -15.16
C GLN A 98 -40.82 -42.84 -16.50
N GLU A 99 -41.72 -43.77 -16.79
CA GLU A 99 -42.53 -43.76 -18.01
C GLU A 99 -44.00 -43.70 -17.59
N PRO A 100 -44.52 -42.50 -17.32
CA PRO A 100 -45.93 -42.37 -16.90
C PRO A 100 -46.93 -42.64 -18.02
N GLU A 101 -46.47 -42.96 -19.23
CA GLU A 101 -47.34 -43.25 -20.36
C GLU A 101 -47.45 -44.74 -20.65
N ASN A 102 -46.84 -45.58 -19.81
CA ASN A 102 -46.70 -47.00 -20.14
C ASN A 102 -48.06 -47.68 -20.33
N GLY A 103 -49.07 -47.26 -19.56
CA GLY A 103 -50.37 -47.88 -19.63
C GLY A 103 -50.85 -48.41 -18.30
N TYR A 104 -49.97 -49.09 -17.58
CA TYR A 104 -50.29 -49.61 -16.25
C TYR A 104 -49.83 -48.67 -15.15
N LEU A 105 -50.03 -47.36 -15.37
CA LEU A 105 -49.65 -46.36 -14.37
C LEU A 105 -50.60 -46.36 -13.18
N THR A 106 -51.87 -46.69 -13.40
CA THR A 106 -52.82 -46.75 -12.30
C THR A 106 -52.43 -47.82 -11.30
N GLN A 107 -51.83 -48.92 -11.76
CA GLN A 107 -51.41 -49.97 -10.84
C GLN A 107 -50.22 -49.53 -9.99
N GLN A 108 -49.20 -48.95 -10.62
CA GLN A 108 -48.03 -48.52 -9.86
C GLN A 108 -48.35 -47.39 -8.90
N THR A 109 -49.30 -46.53 -9.26
CA THR A 109 -49.76 -45.50 -8.33
C THR A 109 -50.32 -46.14 -7.06
N TYR A 110 -51.15 -47.16 -7.21
CA TYR A 110 -51.66 -47.89 -6.06
C TYR A 110 -50.61 -48.81 -5.46
N LEU A 111 -49.59 -49.21 -6.23
CA LEU A 111 -48.51 -50.02 -5.69
C LEU A 111 -47.72 -49.25 -4.65
N ILE A 112 -47.26 -48.04 -4.99
CA ILE A 112 -46.46 -47.26 -4.07
C ILE A 112 -47.32 -46.66 -2.96
N ASN A 113 -48.59 -46.36 -3.25
CA ASN A 113 -49.49 -45.91 -2.19
C ASN A 113 -49.79 -47.04 -1.20
N ASN A 114 -49.79 -48.29 -1.69
CA ASN A 114 -49.98 -49.44 -0.80
C ASN A 114 -48.78 -49.64 0.10
N LEU A 115 -47.58 -49.67 -0.49
CA LEU A 115 -46.35 -49.90 0.27
C LEU A 115 -46.00 -48.76 1.20
N LEU A 116 -46.74 -47.65 1.22
CA LEU A 116 -46.32 -46.48 1.98
C LEU A 116 -46.97 -46.41 3.36
N GLU A 117 -48.29 -46.20 3.41
CA GLU A 117 -48.93 -46.15 4.73
C GLU A 117 -48.97 -47.52 5.39
N TYR A 118 -48.90 -48.60 4.61
CA TYR A 118 -48.82 -49.95 5.18
C TYR A 118 -47.40 -50.40 5.46
N ARG A 119 -46.40 -49.65 5.00
CA ARG A 119 -45.01 -49.78 5.42
C ARG A 119 -44.38 -51.12 5.04
N SER A 120 -44.99 -51.87 4.13
CA SER A 120 -44.40 -53.12 3.66
C SER A 120 -43.12 -52.90 2.86
N ILE A 121 -42.72 -51.64 2.63
CA ILE A 121 -41.46 -51.36 1.98
C ILE A 121 -40.30 -51.41 2.98
N VAL A 122 -40.59 -51.35 4.28
CA VAL A 122 -39.56 -51.57 5.29
C VAL A 122 -38.97 -52.97 5.16
N ILE A 123 -39.79 -53.94 4.78
CA ILE A 123 -39.38 -55.33 4.59
C ILE A 123 -38.24 -55.44 3.57
N LEU A 124 -37.98 -54.36 2.82
CA LEU A 124 -36.87 -54.34 1.88
C LEU A 124 -35.52 -54.39 2.61
N THR A 125 -35.41 -53.71 3.76
CA THR A 125 -34.12 -53.65 4.46
C THR A 125 -33.91 -54.86 5.37
N ASP A 126 -34.97 -55.33 6.03
CA ASP A 126 -34.87 -56.45 6.95
C ASP A 126 -34.30 -57.70 6.28
N LEU A 127 -34.43 -57.80 4.97
CA LEU A 127 -34.02 -58.94 4.15
C LEU A 127 -32.50 -58.93 3.95
N PRO A 128 -31.86 -60.11 3.98
CA PRO A 128 -30.38 -60.16 3.94
C PRO A 128 -29.73 -59.50 2.73
N SER A 129 -30.53 -58.96 1.80
CA SER A 129 -30.00 -58.26 0.65
C SER A 129 -30.28 -56.76 0.80
N SER A 130 -29.60 -56.14 1.76
CA SER A 130 -29.68 -54.71 1.98
C SER A 130 -28.47 -53.98 1.41
N SER A 131 -27.96 -54.46 0.27
CA SER A 131 -26.79 -53.84 -0.35
C SER A 131 -27.10 -53.48 -1.80
N GLN A 132 -27.52 -54.47 -2.59
CA GLN A 132 -27.94 -54.20 -3.96
C GLN A 132 -29.39 -53.72 -4.02
N LEU A 133 -30.26 -54.32 -3.19
CA LEU A 133 -31.69 -54.05 -3.29
C LEU A 133 -32.03 -52.66 -2.77
N VAL A 134 -31.47 -52.28 -1.62
CA VAL A 134 -31.74 -50.96 -1.07
C VAL A 134 -31.07 -49.87 -1.90
N GLU A 135 -29.90 -50.17 -2.48
CA GLU A 135 -29.17 -49.15 -3.24
C GLU A 135 -29.79 -48.91 -4.61
N GLU A 136 -30.22 -49.96 -5.30
CA GLU A 136 -30.83 -49.77 -6.61
C GLU A 136 -32.27 -49.29 -6.51
N LEU A 137 -32.92 -49.44 -5.35
CA LEU A 137 -34.17 -48.73 -5.11
C LEU A 137 -33.96 -47.22 -5.24
N PHE A 138 -32.91 -46.70 -4.62
CA PHE A 138 -32.59 -45.29 -4.73
C PHE A 138 -32.18 -44.93 -6.15
N ASN A 139 -31.64 -45.89 -6.90
CA ASN A 139 -31.10 -45.59 -8.22
C ASN A 139 -32.20 -45.35 -9.25
N ILE A 140 -33.35 -46.02 -9.10
CA ILE A 140 -34.49 -45.71 -9.95
C ILE A 140 -35.03 -44.31 -9.72
N PHE A 141 -34.61 -43.65 -8.64
CA PHE A 141 -35.09 -42.32 -8.30
C PHE A 141 -33.97 -41.29 -8.22
N TYR A 142 -32.74 -41.67 -8.58
CA TYR A 142 -31.63 -40.72 -8.56
C TYR A 142 -30.70 -40.83 -9.75
N SER A 143 -30.81 -41.84 -10.58
CA SER A 143 -30.07 -41.86 -11.83
C SER A 143 -30.58 -40.73 -12.73
N PRO A 144 -29.69 -40.01 -13.43
CA PRO A 144 -30.12 -38.82 -14.19
C PRO A 144 -31.20 -39.06 -15.22
N THR A 145 -31.68 -40.30 -15.35
CA THR A 145 -32.90 -40.57 -16.10
C THR A 145 -34.15 -40.45 -15.23
N ASN A 146 -33.99 -40.00 -13.99
CA ASN A 146 -35.12 -39.79 -13.09
C ASN A 146 -35.95 -38.57 -13.46
N SER A 147 -35.54 -37.81 -14.48
CA SER A 147 -36.19 -36.53 -14.78
C SER A 147 -37.66 -36.69 -15.11
N THR A 148 -38.04 -37.80 -15.75
CA THR A 148 -39.41 -37.99 -16.23
C THR A 148 -40.37 -38.35 -15.11
N ILE A 149 -39.89 -38.51 -13.87
CA ILE A 149 -40.79 -38.71 -12.73
C ILE A 149 -41.74 -37.53 -12.63
N GLN A 150 -43.02 -37.83 -12.49
CA GLN A 150 -44.06 -36.80 -12.51
C GLN A 150 -44.04 -36.00 -11.22
N GLY A 151 -44.96 -35.04 -11.13
CA GLY A 151 -45.01 -34.16 -9.98
C GLY A 151 -45.85 -34.69 -8.83
N ASN A 152 -46.97 -35.34 -9.18
CA ASN A 152 -47.84 -35.90 -8.14
C ASN A 152 -47.17 -37.03 -7.38
N MET A 153 -46.16 -37.67 -7.97
CA MET A 153 -45.47 -38.79 -7.35
C MET A 153 -44.33 -38.36 -6.44
N PHE A 154 -44.16 -37.05 -6.20
CA PHE A 154 -43.06 -36.58 -5.37
C PHE A 154 -43.26 -36.96 -3.91
N THR A 155 -44.46 -36.71 -3.37
CA THR A 155 -44.70 -36.97 -1.96
C THR A 155 -44.69 -38.46 -1.64
N ALA A 156 -45.24 -39.28 -2.54
CA ALA A 156 -45.23 -40.73 -2.35
C ALA A 156 -43.79 -41.25 -2.35
N ILE A 157 -43.03 -40.93 -3.40
CA ILE A 157 -41.62 -41.31 -3.47
C ILE A 157 -40.86 -40.76 -2.27
N GLY A 158 -41.25 -39.58 -1.79
CA GLY A 158 -40.64 -38.99 -0.62
C GLY A 158 -40.81 -39.84 0.63
N GLY A 159 -42.05 -40.16 0.96
CA GLY A 159 -42.30 -40.95 2.16
C GLY A 159 -41.76 -42.37 2.05
N ILE A 160 -41.84 -42.96 0.87
CA ILE A 160 -41.36 -44.32 0.67
C ILE A 160 -39.87 -44.40 0.91
N LEU A 161 -39.10 -43.57 0.19
CA LEU A 161 -37.67 -43.49 0.47
C LEU A 161 -37.41 -42.93 1.85
N GLY A 162 -38.35 -42.14 2.40
CA GLY A 162 -38.22 -41.62 3.74
C GLY A 162 -38.56 -42.63 4.84
N GLU A 163 -39.34 -43.66 4.51
CA GLU A 163 -39.63 -44.70 5.50
C GLU A 163 -38.55 -45.77 5.52
N VAL A 164 -38.04 -46.14 4.34
CA VAL A 164 -36.99 -47.15 4.23
C VAL A 164 -35.75 -46.74 5.01
N ILE A 165 -35.53 -45.44 5.19
CA ILE A 165 -34.39 -44.97 5.97
C ILE A 165 -34.69 -44.93 7.47
N SER A 166 -35.94 -44.66 7.86
CA SER A 166 -36.29 -44.55 9.28
C SER A 166 -36.42 -45.91 9.95
N GLU A 167 -35.96 -46.96 9.27
CA GLU A 167 -35.95 -48.31 9.82
C GLU A 167 -34.56 -48.91 9.73
N CYS A 168 -33.96 -48.87 8.54
CA CYS A 168 -32.59 -49.36 8.38
C CYS A 168 -31.66 -48.55 9.28
N ASP A 169 -30.72 -49.24 9.92
CA ASP A 169 -29.86 -48.62 10.92
C ASP A 169 -28.54 -48.14 10.38
N SER A 170 -28.06 -48.70 9.26
CA SER A 170 -26.81 -48.29 8.64
C SER A 170 -27.00 -48.39 7.12
N LEU A 171 -27.80 -47.47 6.58
CA LEU A 171 -28.01 -47.41 5.15
C LEU A 171 -26.67 -47.36 4.43
N PRO A 172 -26.44 -48.19 3.41
CA PRO A 172 -25.15 -48.17 2.73
C PRO A 172 -24.86 -46.78 2.17
N MET A 173 -23.65 -46.30 2.47
CA MET A 173 -23.19 -44.94 2.17
C MET A 173 -23.74 -44.44 0.83
N SER A 174 -23.70 -45.29 -0.19
CA SER A 174 -24.18 -44.93 -1.52
C SER A 174 -25.60 -44.37 -1.47
N ALA A 175 -26.50 -45.05 -0.76
CA ALA A 175 -27.88 -44.58 -0.66
C ALA A 175 -27.96 -43.24 0.06
N LEU A 176 -27.22 -43.08 1.16
CA LEU A 176 -27.24 -41.82 1.88
C LEU A 176 -26.35 -40.78 1.21
N LYS A 177 -25.34 -41.21 0.44
CA LYS A 177 -24.56 -40.28 -0.35
C LYS A 177 -25.40 -39.69 -1.49
N MET A 178 -26.23 -40.53 -2.12
CA MET A 178 -27.05 -40.08 -3.24
C MET A 178 -28.01 -38.98 -2.82
N VAL A 179 -28.67 -39.16 -1.66
CA VAL A 179 -29.70 -38.22 -1.22
C VAL A 179 -29.12 -36.83 -1.01
N PHE A 180 -27.92 -36.76 -0.44
CA PHE A 180 -27.27 -35.48 -0.21
C PHE A 180 -26.41 -35.02 -1.38
N ASN A 181 -26.04 -35.92 -2.30
CA ASN A 181 -25.24 -35.50 -3.44
C ASN A 181 -26.04 -34.65 -4.43
N LYS A 182 -27.38 -34.75 -4.39
CA LYS A 182 -28.20 -33.86 -5.20
C LYS A 182 -28.27 -32.45 -4.61
N PHE A 183 -27.66 -32.21 -3.46
CA PHE A 183 -27.72 -30.91 -2.80
C PHE A 183 -26.72 -29.90 -3.35
N LEU A 184 -25.58 -30.37 -3.87
CA LEU A 184 -24.59 -29.46 -4.43
C LEU A 184 -25.20 -28.66 -5.58
N SER A 185 -24.95 -27.35 -5.59
CA SER A 185 -25.61 -26.47 -6.55
C SER A 185 -25.27 -26.83 -7.99
N HIS A 186 -24.08 -27.37 -8.22
CA HIS A 186 -23.72 -27.84 -9.55
C HIS A 186 -24.38 -29.18 -9.90
N LYS A 187 -25.29 -29.66 -9.05
CA LYS A 187 -26.06 -30.87 -9.32
C LYS A 187 -27.53 -30.68 -8.99
N ARG A 188 -27.97 -29.44 -8.81
CA ARG A 188 -29.29 -29.14 -8.26
C ARG A 188 -30.35 -28.97 -9.34
N ALA A 189 -30.87 -27.74 -9.49
CA ALA A 189 -31.99 -27.51 -10.38
C ALA A 189 -31.55 -27.59 -11.83
N GLU A 190 -32.42 -28.17 -12.67
CA GLU A 190 -32.05 -28.50 -14.04
C GLU A 190 -32.43 -27.37 -15.00
N SER A 191 -32.49 -27.69 -16.29
CA SER A 191 -32.44 -26.69 -17.36
C SER A 191 -33.77 -25.95 -17.48
N LEU A 192 -33.83 -25.06 -18.48
CA LEU A 192 -34.99 -24.24 -18.75
C LEU A 192 -35.88 -24.98 -19.76
N ASP A 193 -36.94 -25.62 -19.25
CA ASP A 193 -37.92 -26.25 -20.13
C ASP A 193 -38.99 -25.22 -20.45
N GLY A 194 -38.64 -24.32 -21.36
CA GLY A 194 -39.57 -23.29 -21.81
C GLY A 194 -39.50 -22.04 -20.96
N ILE A 195 -40.67 -21.56 -20.53
CA ILE A 195 -40.77 -20.23 -19.94
C ILE A 195 -40.12 -20.19 -18.56
N ASN A 196 -40.06 -21.33 -17.87
CA ASN A 196 -39.58 -21.37 -16.49
C ASN A 196 -38.60 -22.52 -16.31
N TYR A 197 -37.69 -22.36 -15.35
CA TYR A 197 -36.80 -23.43 -14.94
C TYR A 197 -37.57 -24.43 -14.08
N LYS A 198 -37.28 -25.72 -14.27
CA LYS A 198 -37.92 -26.78 -13.51
C LYS A 198 -36.89 -27.50 -12.66
N LYS A 199 -37.20 -27.64 -11.37
CA LYS A 199 -36.26 -28.23 -10.42
C LYS A 199 -36.08 -29.72 -10.68
N ASP A 200 -34.90 -30.22 -10.31
CA ASP A 200 -34.58 -31.62 -10.52
C ASP A 200 -35.41 -32.50 -9.58
N PRO A 201 -36.02 -33.57 -10.09
CA PRO A 201 -36.71 -34.50 -9.19
C PRO A 201 -35.82 -35.06 -8.08
N GLY A 202 -34.64 -35.56 -8.44
CA GLY A 202 -33.76 -36.15 -7.45
C GLY A 202 -33.46 -35.21 -6.30
N PHE A 203 -33.44 -33.91 -6.59
CA PHE A 203 -33.29 -32.93 -5.52
C PHE A 203 -34.62 -32.64 -4.84
N GLU A 204 -35.70 -32.54 -5.62
CA GLU A 204 -37.00 -32.28 -5.02
C GLU A 204 -37.40 -33.36 -4.04
N ILE A 205 -36.86 -34.56 -4.23
CA ILE A 205 -37.11 -35.65 -3.29
C ILE A 205 -36.38 -35.39 -1.98
N SER A 206 -35.09 -35.05 -2.06
CA SER A 206 -34.27 -34.89 -0.88
C SER A 206 -34.73 -33.74 0.01
N LEU A 207 -35.51 -32.79 -0.53
CA LEU A 207 -36.14 -31.75 0.28
C LEU A 207 -37.41 -32.22 0.98
N ILE A 208 -38.04 -33.28 0.47
CA ILE A 208 -39.19 -33.84 1.15
C ILE A 208 -38.75 -34.76 2.27
N ILE A 209 -37.65 -35.49 2.07
CA ILE A 209 -37.10 -36.33 3.12
C ILE A 209 -36.61 -35.48 4.29
N CYS A 210 -35.99 -34.34 3.99
CA CYS A 210 -35.34 -33.53 5.00
C CYS A 210 -36.30 -32.72 5.87
N GLN A 211 -37.61 -32.88 5.70
CA GLN A 211 -38.51 -32.32 6.71
C GLN A 211 -39.62 -33.28 7.11
N THR A 212 -40.15 -34.08 6.18
CA THR A 212 -41.09 -35.12 6.56
C THR A 212 -40.44 -36.15 7.45
N TYR A 213 -39.11 -36.27 7.41
CA TYR A 213 -38.36 -37.18 8.26
C TYR A 213 -37.15 -36.42 8.82
N SER A 214 -37.43 -35.32 9.50
CA SER A 214 -36.39 -34.38 9.93
C SER A 214 -35.43 -35.04 10.91
N ASN A 215 -35.92 -35.42 12.09
CA ASN A 215 -35.06 -35.97 13.13
C ASN A 215 -34.97 -37.48 13.13
N ARG A 216 -35.81 -38.18 12.34
CA ARG A 216 -35.59 -39.61 12.13
C ARG A 216 -34.32 -39.84 11.30
N LEU A 217 -34.11 -39.01 10.26
CA LEU A 217 -32.87 -39.04 9.51
C LEU A 217 -31.74 -38.34 10.25
N GLY A 218 -32.06 -37.51 11.25
CA GLY A 218 -31.07 -36.76 11.99
C GLY A 218 -29.93 -37.60 12.55
N ARG A 219 -30.26 -38.63 13.32
CA ARG A 219 -29.23 -39.52 13.84
C ARG A 219 -28.58 -40.35 12.75
N HIS A 220 -29.20 -40.45 11.57
CA HIS A 220 -28.58 -41.14 10.45
C HIS A 220 -27.57 -40.27 9.73
N PHE A 221 -27.78 -38.96 9.70
CA PHE A 221 -26.82 -38.08 9.07
C PHE A 221 -25.47 -38.12 9.79
N ILE A 222 -25.51 -38.33 11.11
CA ILE A 222 -24.27 -38.34 11.89
C ILE A 222 -23.44 -39.57 11.55
N LYS A 223 -24.08 -40.74 11.51
CA LYS A 223 -23.37 -41.97 11.15
C LYS A 223 -22.80 -41.88 9.74
N PHE A 224 -23.49 -41.17 8.84
CA PHE A 224 -22.93 -40.90 7.52
C PHE A 224 -21.80 -39.88 7.61
N TYR A 225 -21.98 -38.83 8.41
CA TYR A 225 -21.02 -37.73 8.47
C TYR A 225 -19.79 -38.10 9.26
N SER A 226 -19.97 -38.72 10.43
CA SER A 226 -18.84 -38.97 11.33
C SER A 226 -17.94 -40.08 10.81
N GLU A 227 -18.50 -41.06 10.10
CA GLU A 227 -17.68 -42.15 9.57
C GLU A 227 -16.68 -41.63 8.54
N ILE A 228 -17.16 -40.82 7.60
CA ILE A 228 -16.25 -40.21 6.62
C ILE A 228 -15.24 -39.32 7.31
N MET A 229 -15.62 -38.70 8.43
CA MET A 229 -14.71 -37.78 9.10
C MET A 229 -13.62 -38.51 9.85
N TYR A 230 -13.96 -39.61 10.53
CA TYR A 230 -12.95 -40.30 11.34
C TYR A 230 -11.92 -41.03 10.49
N GLU A 231 -12.18 -41.26 9.19
CA GLU A 231 -11.22 -41.93 8.34
C GLU A 231 -10.28 -40.97 7.62
N VAL A 232 -10.57 -39.67 7.65
CA VAL A 232 -9.57 -38.67 7.26
C VAL A 232 -8.84 -38.12 8.47
N LEU A 233 -9.55 -37.97 9.60
CA LEU A 233 -8.93 -37.58 10.86
C LEU A 233 -8.08 -38.68 11.48
N GLY A 234 -7.90 -39.80 10.78
CA GLY A 234 -7.08 -40.89 11.27
C GLY A 234 -6.15 -41.44 10.23
N GLU A 235 -5.99 -40.69 9.13
CA GLU A 235 -5.14 -41.05 7.99
C GLU A 235 -5.23 -42.53 7.62
N SER A 245 -4.17 -37.01 -2.43
CA SER A 245 -4.65 -38.13 -1.65
C SER A 245 -6.16 -38.31 -1.78
N SER A 246 -6.61 -39.56 -1.76
CA SER A 246 -8.04 -39.85 -1.76
C SER A 246 -8.73 -39.38 -0.48
N ALA A 247 -7.96 -39.07 0.56
CA ALA A 247 -8.49 -38.51 1.80
C ALA A 247 -8.59 -37.00 1.77
N TYR A 248 -8.15 -36.36 0.68
CA TYR A 248 -8.37 -34.93 0.49
C TYR A 248 -9.55 -34.64 -0.44
N LYS A 249 -9.77 -35.48 -1.44
CA LYS A 249 -10.95 -35.33 -2.28
C LYS A 249 -12.22 -35.58 -1.49
N THR A 250 -12.26 -36.68 -0.74
CA THR A 250 -13.46 -37.00 0.05
C THR A 250 -13.66 -35.98 1.18
N LEU A 251 -12.59 -35.34 1.64
CA LEU A 251 -12.75 -34.29 2.64
C LEU A 251 -13.37 -33.04 2.02
N VAL A 252 -12.78 -32.56 0.92
CA VAL A 252 -13.27 -31.32 0.33
C VAL A 252 -14.58 -31.53 -0.42
N LYS A 253 -14.86 -32.76 -0.87
CA LYS A 253 -16.15 -33.04 -1.47
C LYS A 253 -17.25 -32.98 -0.41
N ILE A 254 -16.95 -33.46 0.81
CA ILE A 254 -17.85 -33.25 1.92
C ILE A 254 -17.83 -31.80 2.37
N GLY A 255 -16.72 -31.09 2.14
CA GLY A 255 -16.67 -29.67 2.44
C GLY A 255 -17.69 -28.87 1.67
N ASN A 256 -17.89 -29.21 0.38
CA ASN A 256 -18.91 -28.55 -0.41
C ASN A 256 -20.30 -29.06 -0.09
N LEU A 257 -20.42 -30.33 0.34
CA LEU A 257 -21.72 -30.87 0.70
C LEU A 257 -22.25 -30.19 1.96
N THR A 258 -21.46 -30.18 3.03
CA THR A 258 -21.87 -29.48 4.24
C THR A 258 -22.10 -28.00 3.97
N SER A 259 -21.37 -27.44 3.01
CA SER A 259 -21.47 -26.03 2.64
C SER A 259 -22.89 -25.65 2.25
N GLU A 260 -23.39 -26.23 1.14
CA GLU A 260 -24.71 -25.89 0.66
C GLU A 260 -25.82 -26.42 1.58
N LEU A 261 -25.57 -27.56 2.23
CA LEU A 261 -26.57 -28.16 3.12
C LEU A 261 -26.90 -27.28 4.32
N TRP A 262 -26.09 -26.25 4.59
CA TRP A 262 -26.35 -25.39 5.73
C TRP A 262 -27.61 -24.54 5.55
N LYS A 263 -27.89 -24.10 4.32
CA LYS A 263 -29.01 -23.20 4.09
C LYS A 263 -30.33 -23.92 3.85
N TYR A 264 -30.38 -25.24 4.02
CA TYR A 264 -31.63 -25.97 3.90
C TYR A 264 -31.88 -26.90 5.05
N ALA A 265 -30.85 -27.27 5.81
CA ALA A 265 -31.02 -28.04 7.05
C ALA A 265 -30.07 -27.52 8.11
N PRO A 266 -30.23 -26.24 8.51
CA PRO A 266 -29.31 -25.69 9.53
C PRO A 266 -29.43 -26.41 10.85
N GLU A 267 -30.61 -26.90 11.19
CA GLU A 267 -30.77 -27.77 12.35
C GLU A 267 -29.98 -29.06 12.18
N LEU A 268 -29.95 -29.59 10.95
CA LEU A 268 -29.30 -30.87 10.68
C LEU A 268 -27.79 -30.73 10.48
N VAL A 269 -27.30 -29.54 10.17
CA VAL A 269 -25.86 -29.33 10.13
C VAL A 269 -25.31 -29.11 11.53
N GLY A 270 -26.09 -28.48 12.41
CA GLY A 270 -25.68 -28.23 13.77
C GLY A 270 -25.29 -29.47 14.54
N SER A 271 -25.73 -30.63 14.06
CA SER A 271 -25.47 -31.91 14.71
C SER A 271 -24.12 -32.51 14.33
N VAL A 272 -23.26 -31.78 13.62
CA VAL A 272 -21.94 -32.28 13.25
C VAL A 272 -20.89 -31.18 13.35
N THR A 273 -21.26 -30.04 13.94
CA THR A 273 -20.31 -28.93 14.05
C THR A 273 -19.11 -29.30 14.90
N GLY A 274 -19.29 -30.16 15.91
CA GLY A 274 -18.17 -30.63 16.70
C GLY A 274 -17.13 -31.36 15.88
N LEU A 275 -17.50 -31.86 14.71
CA LEU A 275 -16.56 -32.51 13.81
C LEU A 275 -15.75 -31.50 13.01
N LEU A 276 -16.39 -30.41 12.58
CA LEU A 276 -15.65 -29.27 12.03
C LEU A 276 -14.66 -28.75 13.05
N TYR A 277 -15.06 -28.72 14.32
CA TYR A 277 -14.15 -28.32 15.39
C TYR A 277 -12.94 -29.23 15.45
N GLN A 278 -13.15 -30.55 15.32
CA GLN A 278 -12.03 -31.48 15.23
C GLN A 278 -11.19 -31.25 13.99
N LEU A 279 -11.75 -30.61 12.97
CA LEU A 279 -10.99 -30.19 11.80
C LEU A 279 -10.42 -28.78 11.94
N LEU A 280 -11.04 -27.93 12.76
CA LEU A 280 -10.46 -26.65 13.12
C LEU A 280 -9.32 -26.79 14.15
N CYS A 281 -8.94 -28.02 14.47
CA CYS A 281 -7.76 -28.32 15.27
C CYS A 281 -6.94 -29.44 14.65
N SER A 282 -7.06 -29.66 13.35
CA SER A 282 -6.68 -30.93 12.73
C SER A 282 -5.22 -31.30 12.96
N ASP A 283 -4.98 -32.61 12.90
CA ASP A 283 -3.63 -33.15 12.75
C ASP A 283 -2.89 -32.45 11.61
N ASN A 284 -3.55 -32.28 10.47
CA ASN A 284 -2.92 -31.78 9.27
C ASN A 284 -3.21 -30.29 9.07
N GLU A 285 -2.40 -29.66 8.22
CA GLU A 285 -2.60 -28.25 7.87
C GLU A 285 -3.73 -28.09 6.85
N LEU A 286 -3.57 -28.68 5.67
CA LEU A 286 -4.59 -28.54 4.63
C LEU A 286 -5.90 -29.20 5.00
N PHE A 287 -5.96 -29.94 6.11
CA PHE A 287 -7.23 -30.30 6.72
C PHE A 287 -7.91 -29.07 7.31
N ARG A 288 -7.19 -28.37 8.20
CA ARG A 288 -7.67 -27.12 8.80
C ARG A 288 -8.09 -26.13 7.73
N GLU A 289 -7.38 -26.11 6.60
CA GLU A 289 -7.73 -25.21 5.51
C GLU A 289 -9.14 -25.48 5.00
N SER A 290 -9.39 -26.69 4.49
CA SER A 290 -10.68 -27.03 3.91
C SER A 290 -11.82 -26.88 4.90
N ALA A 291 -11.51 -26.85 6.20
CA ALA A 291 -12.52 -26.60 7.22
C ALA A 291 -12.72 -25.12 7.49
N THR A 292 -11.68 -24.30 7.27
CA THR A 292 -11.85 -22.86 7.42
C THR A 292 -12.71 -22.29 6.29
N LYS A 293 -12.62 -22.85 5.09
CA LYS A 293 -13.54 -22.47 4.02
C LYS A 293 -14.96 -22.88 4.35
N CYS A 294 -15.13 -24.10 4.88
CA CYS A 294 -16.46 -24.61 5.17
C CYS A 294 -17.24 -23.69 6.09
N VAL A 295 -16.56 -23.13 7.10
CA VAL A 295 -17.24 -22.22 8.02
C VAL A 295 -17.55 -20.89 7.32
N SER A 296 -16.58 -20.33 6.62
CA SER A 296 -16.78 -19.03 5.98
C SER A 296 -17.90 -19.08 4.94
N LYS A 297 -18.04 -20.20 4.24
CA LYS A 297 -19.16 -20.36 3.32
C LYS A 297 -20.49 -20.31 4.06
N MET A 298 -20.55 -20.94 5.23
CA MET A 298 -21.76 -20.89 6.05
C MET A 298 -21.96 -19.51 6.66
N LEU A 299 -20.89 -18.78 6.91
CA LEU A 299 -21.01 -17.45 7.48
C LEU A 299 -21.57 -16.47 6.46
N GLY A 300 -21.19 -16.62 5.20
CA GLY A 300 -21.66 -15.74 4.14
C GLY A 300 -22.94 -16.22 3.48
N THR A 301 -23.67 -17.08 4.17
CA THR A 301 -24.96 -17.58 3.70
C THR A 301 -26.08 -16.88 4.46
N HIS A 302 -27.17 -16.60 3.74
CA HIS A 302 -28.33 -15.95 4.34
C HIS A 302 -29.30 -17.00 4.87
N SER A 303 -29.56 -16.95 6.17
CA SER A 303 -30.56 -17.78 6.83
C SER A 303 -30.88 -17.13 8.16
N LEU A 304 -31.94 -17.62 8.81
CA LEU A 304 -32.30 -17.07 10.12
C LEU A 304 -31.29 -17.45 11.18
N ILE A 305 -30.86 -18.72 11.19
CA ILE A 305 -29.78 -19.15 12.06
C ILE A 305 -28.46 -18.65 11.49
N ASN A 306 -27.77 -17.79 12.23
CA ASN A 306 -26.45 -17.32 11.84
C ASN A 306 -25.40 -18.09 12.65
N PHE A 307 -24.55 -18.82 11.92
CA PHE A 307 -23.51 -19.71 12.46
C PHE A 307 -22.71 -19.07 13.58
N ALA A 308 -22.56 -17.74 13.56
CA ALA A 308 -21.73 -17.05 14.53
C ALA A 308 -22.32 -17.10 15.94
N VAL A 309 -23.64 -17.19 16.05
CA VAL A 309 -24.30 -17.25 17.36
C VAL A 309 -24.68 -18.68 17.72
N ALA A 310 -25.25 -19.43 16.77
CA ALA A 310 -25.68 -20.79 17.06
C ALA A 310 -24.51 -21.73 17.33
N HIS A 311 -23.31 -21.36 16.91
CA HIS A 311 -22.13 -22.20 17.09
C HIS A 311 -20.94 -21.30 17.44
N SER A 312 -21.06 -20.62 18.58
CA SER A 312 -20.04 -19.64 18.98
C SER A 312 -18.68 -20.31 19.15
N ASP A 313 -18.65 -21.45 19.83
CA ASP A 313 -17.39 -22.14 20.05
C ASP A 313 -16.74 -22.56 18.74
N THR A 314 -17.54 -23.00 17.76
CA THR A 314 -17.00 -23.36 16.46
C THR A 314 -16.68 -22.13 15.61
N TYR A 315 -17.37 -21.02 15.85
CA TYR A 315 -17.05 -19.78 15.13
C TYR A 315 -15.88 -19.05 15.77
N LYS A 316 -15.74 -19.14 17.10
CA LYS A 316 -14.59 -18.51 17.76
C LYS A 316 -13.28 -19.19 17.39
N ILE A 317 -13.32 -20.50 17.08
CA ILE A 317 -12.10 -21.17 16.67
C ILE A 317 -11.84 -20.99 15.17
N TRP A 318 -12.88 -20.75 14.38
CA TRP A 318 -12.66 -20.27 13.01
C TRP A 318 -11.97 -18.91 13.04
N LEU A 319 -12.43 -18.01 13.90
CA LEU A 319 -11.78 -16.72 14.06
C LEU A 319 -10.31 -16.87 14.45
N SER A 320 -10.04 -17.80 15.38
CA SER A 320 -8.67 -17.99 15.84
C SER A 320 -7.76 -18.53 14.75
N LYS A 321 -8.32 -19.01 13.63
CA LYS A 321 -7.52 -19.68 12.61
C LYS A 321 -6.62 -18.74 11.83
N MET A 322 -6.55 -17.46 12.17
CA MET A 322 -5.50 -16.64 11.60
C MET A 322 -4.26 -16.56 12.48
N ALA A 323 -4.36 -16.98 13.74
CA ALA A 323 -3.18 -17.22 14.55
C ALA A 323 -2.55 -18.58 14.25
N ASP A 324 -3.13 -19.34 13.32
CA ASP A 324 -2.66 -20.68 13.03
C ASP A 324 -1.21 -20.66 12.57
N ILE A 325 -0.51 -21.77 12.84
CA ILE A 325 0.92 -21.84 12.56
C ILE A 325 1.21 -21.95 11.07
N SER A 326 0.28 -22.44 10.28
CA SER A 326 0.58 -22.65 8.87
C SER A 326 0.14 -21.44 8.05
N PRO A 327 1.00 -20.92 7.17
CA PRO A 327 0.55 -19.84 6.28
C PRO A 327 -0.57 -20.26 5.35
N HIS A 328 -0.58 -21.53 4.93
CA HIS A 328 -1.65 -22.01 4.05
C HIS A 328 -3.01 -21.86 4.70
N VAL A 329 -3.07 -21.94 6.04
CA VAL A 329 -4.35 -21.80 6.72
C VAL A 329 -4.73 -20.33 6.87
N ARG A 330 -3.76 -19.47 7.21
CA ARG A 330 -4.05 -18.05 7.29
C ARG A 330 -4.42 -17.47 5.93
N GLN A 331 -3.59 -17.73 4.93
CA GLN A 331 -3.86 -17.25 3.58
C GLN A 331 -5.23 -17.69 3.10
N ALA A 332 -5.64 -18.91 3.45
CA ALA A 332 -6.97 -19.36 3.08
C ALA A 332 -8.05 -18.66 3.88
N TRP A 333 -7.77 -18.27 5.12
CA TRP A 333 -8.75 -17.56 5.91
C TRP A 333 -8.96 -16.14 5.39
N VAL A 334 -7.87 -15.47 5.00
CA VAL A 334 -8.00 -14.10 4.50
C VAL A 334 -8.55 -14.09 3.08
N SER A 335 -8.39 -15.17 2.33
CA SER A 335 -8.94 -15.26 0.98
C SER A 335 -10.44 -15.49 0.98
N GLU A 336 -11.08 -15.35 2.14
CA GLU A 336 -12.51 -15.61 2.29
C GLU A 336 -13.31 -14.41 2.76
N ILE A 337 -12.69 -13.40 3.35
CA ILE A 337 -13.40 -12.32 4.02
C ILE A 337 -13.92 -11.23 3.07
N PRO A 338 -13.58 -11.22 1.76
CA PRO A 338 -14.38 -10.42 0.83
C PRO A 338 -15.82 -10.89 0.77
N SER A 339 -16.01 -12.17 0.41
CA SER A 339 -17.35 -12.76 0.30
C SER A 339 -18.15 -12.65 1.59
N ILE A 340 -17.49 -12.52 2.74
CA ILE A 340 -18.21 -12.44 4.01
C ILE A 340 -18.66 -11.01 4.28
N LEU A 341 -17.76 -10.05 4.09
CA LEU A 341 -18.11 -8.65 4.35
C LEU A 341 -19.21 -8.17 3.40
N MET A 342 -19.18 -8.63 2.14
CA MET A 342 -20.27 -8.31 1.23
C MET A 342 -21.56 -9.00 1.65
N SER A 343 -21.45 -10.13 2.34
CA SER A 343 -22.63 -10.89 2.72
C SER A 343 -23.31 -10.31 3.96
N ARG A 344 -22.54 -10.02 5.01
CA ARG A 344 -23.11 -9.66 6.29
C ARG A 344 -22.30 -8.53 6.92
N SER A 345 -22.97 -7.75 7.77
CA SER A 345 -22.40 -6.54 8.34
C SER A 345 -22.09 -6.67 9.83
N ASP A 346 -22.38 -7.81 10.44
CA ASP A 346 -22.31 -7.93 11.90
C ASP A 346 -21.02 -8.56 12.40
N LEU A 347 -20.15 -9.04 11.51
CA LEU A 347 -18.88 -9.64 11.90
C LEU A 347 -17.71 -8.73 11.57
N SER A 348 -17.91 -7.42 11.69
CA SER A 348 -16.88 -6.46 11.31
C SER A 348 -15.71 -6.47 12.29
N ASP A 349 -15.99 -6.15 13.56
CA ASP A 349 -14.93 -6.08 14.57
C ASP A 349 -14.05 -7.33 14.55
N ASP A 350 -14.68 -8.50 14.46
CA ASP A 350 -13.95 -9.76 14.47
C ASP A 350 -12.96 -9.84 13.31
N ILE A 351 -13.47 -9.76 12.09
CA ILE A 351 -12.63 -9.86 10.90
C ILE A 351 -11.67 -8.69 10.83
N SER A 352 -12.12 -7.49 11.23
CA SER A 352 -11.27 -6.31 11.15
C SER A 352 -9.99 -6.50 11.96
N LYS A 353 -10.12 -7.01 13.18
CA LYS A 353 -8.95 -7.28 14.00
C LYS A 353 -8.09 -8.39 13.42
N GLY A 354 -8.65 -9.25 12.58
CA GLY A 354 -7.88 -10.25 11.87
C GLY A 354 -7.18 -9.69 10.66
N LEU A 355 -7.88 -8.82 9.92
CA LEU A 355 -7.29 -8.18 8.74
C LEU A 355 -6.15 -7.23 9.11
N ALA A 356 -5.99 -6.87 10.39
CA ALA A 356 -4.80 -6.16 10.83
C ALA A 356 -3.60 -7.09 10.80
N LYS A 357 -3.69 -8.19 11.55
CA LYS A 357 -2.70 -9.26 11.54
C LYS A 357 -2.38 -9.71 10.12
N ALA A 358 -3.41 -9.72 9.26
CA ALA A 358 -3.24 -10.12 7.87
C ALA A 358 -2.18 -9.27 7.17
N LEU A 359 -2.28 -7.95 7.33
CA LEU A 359 -1.50 -7.04 6.51
C LEU A 359 -0.03 -7.03 6.91
N ILE A 360 0.26 -7.28 8.19
CA ILE A 360 1.62 -7.19 8.71
C ILE A 360 2.19 -8.58 8.94
N ASP A 361 1.79 -9.54 8.11
CA ASP A 361 2.15 -10.94 8.30
C ASP A 361 3.55 -11.22 7.74
N SER A 362 4.30 -12.07 8.45
CA SER A 362 5.66 -12.38 8.03
C SER A 362 5.67 -13.12 6.70
N ASP A 363 4.73 -14.03 6.48
CA ASP A 363 4.61 -14.73 5.21
C ASP A 363 3.98 -13.81 4.17
N HIS A 364 4.57 -13.78 2.97
CA HIS A 364 4.18 -12.76 1.99
C HIS A 364 2.87 -13.07 1.30
N THR A 365 2.59 -14.36 1.03
CA THR A 365 1.35 -14.69 0.33
C THR A 365 0.12 -14.49 1.20
N VAL A 366 0.30 -14.24 2.50
CA VAL A 366 -0.82 -13.80 3.33
C VAL A 366 -1.07 -12.31 3.14
N ARG A 367 0.01 -11.52 3.08
CA ARG A 367 -0.13 -10.08 2.89
C ARG A 367 -0.73 -9.74 1.53
N LEU A 368 -0.28 -10.43 0.48
CA LEU A 368 -0.84 -10.20 -0.85
C LEU A 368 -2.34 -10.46 -0.86
N SER A 369 -2.76 -11.62 -0.39
CA SER A 369 -4.17 -11.96 -0.29
C SER A 369 -4.91 -11.17 0.79
N ALA A 370 -4.21 -10.30 1.51
CA ALA A 370 -4.85 -9.29 2.36
C ALA A 370 -4.98 -7.94 1.66
N ILE A 371 -4.02 -7.59 0.80
CA ILE A 371 -4.15 -6.40 -0.02
C ILE A 371 -5.32 -6.54 -0.98
N GLN A 372 -5.42 -7.70 -1.65
CA GLN A 372 -6.47 -7.95 -2.62
C GLN A 372 -7.86 -7.97 -1.99
N THR A 373 -7.96 -8.08 -0.66
CA THR A 373 -9.24 -7.88 0.00
C THR A 373 -9.83 -6.51 -0.34
N PHE A 374 -8.98 -5.53 -0.63
CA PHE A 374 -9.43 -4.18 -0.99
C PHE A 374 -9.78 -4.03 -2.47
N HIS A 375 -9.43 -5.00 -3.31
CA HIS A 375 -9.91 -5.02 -4.69
C HIS A 375 -11.21 -5.78 -4.87
N GLU A 376 -11.53 -6.70 -3.97
CA GLU A 376 -12.65 -7.62 -4.16
C GLU A 376 -13.92 -7.19 -3.44
N VAL A 377 -13.89 -6.08 -2.71
CA VAL A 377 -15.09 -5.52 -2.09
C VAL A 377 -15.16 -4.05 -2.49
N PRO A 378 -16.34 -3.49 -2.74
CA PRO A 378 -16.43 -2.07 -3.08
C PRO A 378 -15.93 -1.19 -1.94
N VAL A 379 -15.47 0.01 -2.32
CA VAL A 379 -14.95 0.98 -1.36
C VAL A 379 -16.06 1.49 -0.45
N LYS A 380 -17.22 1.80 -1.04
CA LYS A 380 -18.39 2.23 -0.29
C LYS A 380 -18.70 1.27 0.84
N ARG A 381 -18.28 0.02 0.72
CA ARG A 381 -18.46 -0.99 1.76
C ARG A 381 -17.31 -1.04 2.74
N LEU A 382 -16.07 -0.90 2.24
CA LEU A 382 -14.89 -0.96 3.10
C LEU A 382 -14.95 0.09 4.20
N TRP A 383 -15.34 1.32 3.85
CA TRP A 383 -15.58 2.35 4.86
C TRP A 383 -16.66 1.91 5.84
N GLU A 384 -17.71 1.27 5.33
CA GLU A 384 -18.82 0.84 6.17
C GLU A 384 -18.40 -0.28 7.12
N CYS A 385 -17.58 -1.22 6.64
CA CYS A 385 -17.36 -2.46 7.37
C CYS A 385 -16.13 -2.42 8.26
N LEU A 386 -15.08 -1.69 7.89
CA LEU A 386 -13.83 -1.63 8.64
C LEU A 386 -13.55 -0.20 9.09
N PRO A 387 -14.27 0.29 10.11
CA PRO A 387 -13.92 1.60 10.69
C PRO A 387 -12.60 1.58 11.47
N ASN A 388 -11.96 0.42 11.59
CA ASN A 388 -10.63 0.31 12.18
C ASN A 388 -9.63 1.08 11.32
N ALA A 389 -9.33 2.33 11.71
CA ALA A 389 -8.47 3.17 10.90
C ALA A 389 -7.07 2.60 10.72
N ALA A 390 -6.69 1.63 11.54
CA ALA A 390 -5.38 0.99 11.47
C ALA A 390 -5.35 -0.18 10.50
N VAL A 391 -6.49 -0.56 9.92
CA VAL A 391 -6.47 -1.54 8.84
C VAL A 391 -6.16 -0.85 7.52
N PHE A 392 -6.65 0.38 7.34
CA PHE A 392 -6.24 1.16 6.18
C PHE A 392 -4.78 1.61 6.32
N ALA A 393 -4.39 2.08 7.50
CA ALA A 393 -3.01 2.49 7.73
C ALA A 393 -2.05 1.33 7.53
N GLY A 394 -2.46 0.12 7.91
CA GLY A 394 -1.66 -1.05 7.61
C GLY A 394 -1.55 -1.35 6.13
N LEU A 395 -2.51 -0.87 5.34
CA LEU A 395 -2.46 -1.10 3.89
C LEU A 395 -1.52 -0.12 3.20
N VAL A 396 -1.56 1.14 3.61
CA VAL A 396 -0.71 2.16 2.97
C VAL A 396 0.76 1.85 3.23
N HIS A 397 1.09 1.46 4.47
CA HIS A 397 2.46 1.09 4.81
C HIS A 397 2.99 -0.05 3.96
N LEU A 398 2.13 -0.70 3.17
CA LEU A 398 2.55 -1.75 2.26
C LEU A 398 2.96 -1.24 0.89
N THR A 399 2.61 0.01 0.53
CA THR A 399 3.17 0.59 -0.68
C THR A 399 4.69 0.65 -0.63
N ARG A 400 5.26 0.66 0.58
CA ARG A 400 6.69 0.53 0.79
C ARG A 400 7.19 -0.89 0.64
N GLU A 401 6.33 -1.83 0.21
CA GLU A 401 6.74 -3.23 0.06
C GLU A 401 7.89 -3.34 -0.92
N THR A 402 8.71 -4.37 -0.72
CA THR A 402 9.82 -4.66 -1.63
C THR A 402 9.50 -5.77 -2.61
N ARG A 403 8.85 -6.84 -2.17
CA ARG A 403 8.41 -7.89 -3.07
C ARG A 403 7.49 -7.29 -4.13
N ARG A 404 7.93 -7.35 -5.38
CA ARG A 404 7.42 -6.45 -6.41
C ARG A 404 5.91 -6.60 -6.64
N ASP A 405 5.45 -7.84 -6.84
CA ASP A 405 4.04 -8.05 -7.19
C ASP A 405 3.11 -7.56 -6.09
N LEU A 406 3.51 -7.71 -4.82
CA LEU A 406 2.71 -7.16 -3.73
C LEU A 406 2.63 -5.64 -3.82
N ARG A 407 3.78 -5.00 -4.07
CA ARG A 407 3.83 -3.55 -4.18
C ARG A 407 2.87 -3.04 -5.25
N ASP A 408 2.85 -3.69 -6.41
CA ASP A 408 1.99 -3.26 -7.50
C ASP A 408 0.51 -3.35 -7.11
N GLU A 409 0.10 -4.50 -6.59
CA GLU A 409 -1.29 -4.67 -6.17
C GLU A 409 -1.67 -3.71 -5.05
N CYS A 410 -0.70 -3.20 -4.29
CA CYS A 410 -1.00 -2.31 -3.19
C CYS A 410 -1.28 -0.89 -3.68
N ILE A 411 -0.43 -0.38 -4.58
CA ILE A 411 -0.67 0.96 -5.14
C ILE A 411 -2.02 1.02 -5.83
N ASP A 412 -2.40 -0.07 -6.50
CA ASP A 412 -3.71 -0.11 -7.17
C ASP A 412 -4.84 0.00 -6.17
N ALA A 413 -4.76 -0.77 -5.08
CA ALA A 413 -5.84 -0.76 -4.08
C ALA A 413 -5.98 0.61 -3.44
N VAL A 414 -4.87 1.24 -3.08
CA VAL A 414 -4.95 2.54 -2.41
C VAL A 414 -5.37 3.64 -3.39
N ALA A 415 -5.02 3.51 -4.66
CA ALA A 415 -5.47 4.47 -5.66
C ALA A 415 -6.98 4.41 -5.83
N ARG A 416 -7.54 3.19 -5.88
CA ARG A 416 -8.99 3.04 -6.01
C ARG A 416 -9.72 3.52 -4.77
N ILE A 417 -9.12 3.35 -3.59
CA ILE A 417 -9.77 3.79 -2.36
C ILE A 417 -9.85 5.31 -2.31
N TYR A 418 -8.73 5.98 -2.64
CA TYR A 418 -8.70 7.44 -2.59
C TYR A 418 -9.62 8.05 -3.63
N THR A 419 -9.59 7.54 -4.85
CA THR A 419 -10.43 8.08 -5.92
C THR A 419 -11.91 8.01 -5.55
N GLU A 420 -12.35 6.85 -5.09
CA GLU A 420 -13.73 6.70 -4.62
C GLU A 420 -14.01 7.62 -3.44
N SER A 421 -13.10 7.64 -2.46
CA SER A 421 -13.40 8.30 -1.18
C SER A 421 -13.72 9.78 -1.37
N ILE A 422 -13.06 10.45 -2.32
CA ILE A 422 -13.36 11.85 -2.54
C ILE A 422 -14.74 12.02 -3.18
N GLU A 423 -15.05 11.19 -4.18
CA GLU A 423 -16.33 11.32 -4.87
C GLU A 423 -17.47 10.69 -4.08
N SER A 424 -17.20 9.59 -3.37
CA SER A 424 -18.27 8.80 -2.78
C SER A 424 -18.56 9.19 -1.33
N ILE A 425 -17.54 9.19 -0.47
CA ILE A 425 -17.73 9.30 0.97
C ILE A 425 -17.43 10.74 1.39
N PRO A 426 -18.39 11.45 1.98
CA PRO A 426 -18.09 12.78 2.53
C PRO A 426 -17.53 12.70 3.94
N LYS A 427 -16.64 13.64 4.23
CA LYS A 427 -15.91 13.64 5.50
C LYS A 427 -16.83 14.15 6.61
N THR A 428 -17.46 13.22 7.33
CA THR A 428 -18.14 13.54 8.57
C THR A 428 -17.15 13.35 9.72
N ASN A 429 -17.61 13.62 10.95
CA ASN A 429 -16.79 13.34 12.11
C ASN A 429 -16.84 11.86 12.48
N GLU A 430 -17.90 11.16 12.09
CA GLU A 430 -18.01 9.73 12.36
C GLU A 430 -16.84 8.94 11.78
N ASN A 431 -16.28 9.40 10.66
CA ASN A 431 -15.20 8.69 9.98
C ASN A 431 -13.95 9.55 9.80
N LYS A 432 -13.85 10.67 10.52
CA LYS A 432 -12.67 11.54 10.41
C LYS A 432 -11.38 10.79 10.72
N GLU A 433 -11.47 9.69 11.47
CA GLU A 433 -10.27 8.93 11.83
C GLU A 433 -9.69 8.19 10.63
N ILE A 434 -10.55 7.67 9.75
CA ILE A 434 -10.06 6.98 8.56
C ILE A 434 -9.62 8.00 7.51
N TRP A 435 -10.34 9.12 7.40
CA TRP A 435 -9.96 10.15 6.44
C TRP A 435 -8.54 10.64 6.67
N GLY A 436 -8.13 10.73 7.94
CA GLY A 436 -6.75 11.07 8.23
C GLY A 436 -5.75 10.06 7.69
N VAL A 437 -6.19 8.83 7.44
CA VAL A 437 -5.31 7.81 6.88
C VAL A 437 -5.29 7.88 5.35
N VAL A 438 -6.48 7.95 4.73
CA VAL A 438 -6.54 8.00 3.27
C VAL A 438 -6.17 9.36 2.71
N GLU A 439 -5.96 10.36 3.57
CA GLU A 439 -5.40 11.62 3.10
C GLU A 439 -3.95 11.45 2.63
N THR A 440 -3.26 10.45 3.16
CA THR A 440 -1.85 10.21 2.86
C THR A 440 -1.63 9.29 1.65
N ILE A 441 -2.72 8.81 1.04
CA ILE A 441 -2.57 7.93 -0.12
C ILE A 441 -1.78 8.59 -1.26
N PRO A 442 -2.11 9.81 -1.71
CA PRO A 442 -1.26 10.45 -2.72
C PRO A 442 0.10 10.84 -2.17
N SER A 443 0.17 11.24 -0.90
CA SER A 443 1.47 11.47 -0.26
C SER A 443 2.32 10.20 -0.29
N ALA A 444 1.68 9.05 -0.06
CA ALA A 444 2.38 7.78 -0.17
C ALA A 444 2.84 7.52 -1.60
N CYS A 445 1.95 7.73 -2.56
CA CYS A 445 2.27 7.47 -3.97
C CYS A 445 3.39 8.37 -4.46
N PHE A 446 3.48 9.60 -3.97
CA PHE A 446 4.56 10.49 -4.41
C PHE A 446 5.90 10.06 -3.83
N ASN A 447 5.89 9.39 -2.68
CA ASN A 447 7.12 8.83 -2.14
C ASN A 447 7.62 7.62 -2.93
N LEU A 448 6.85 7.16 -3.92
CA LEU A 448 7.31 6.06 -4.75
C LEU A 448 8.42 6.48 -5.72
N TYR A 449 8.55 7.77 -6.01
CA TYR A 449 9.61 8.23 -6.89
C TYR A 449 11.00 7.98 -6.32
N TYR A 450 11.11 7.83 -4.99
CA TYR A 450 12.40 7.49 -4.40
C TYR A 450 12.87 6.11 -4.83
N ILE A 451 11.95 5.22 -5.22
CA ILE A 451 12.31 3.92 -5.77
C ILE A 451 12.53 4.15 -7.27
N ASN A 452 13.76 4.51 -7.63
CA ASN A 452 14.08 4.82 -9.02
C ASN A 452 13.87 3.60 -9.90
N ASP A 453 12.61 3.30 -10.23
CA ASP A 453 12.24 2.18 -11.08
C ASP A 453 11.50 2.72 -12.29
N LEU A 454 11.94 2.31 -13.48
CA LEU A 454 11.38 2.86 -14.71
C LEU A 454 9.90 2.56 -14.83
N GLU A 455 9.47 1.37 -14.42
CA GLU A 455 8.06 1.01 -14.50
C GLU A 455 7.25 1.76 -13.46
N ILE A 456 7.73 1.79 -12.23
CA ILE A 456 6.97 2.42 -11.16
C ILE A 456 6.90 3.93 -11.36
N ASN A 457 7.93 4.52 -11.98
CA ASN A 457 7.95 5.97 -12.14
C ASN A 457 6.84 6.45 -13.07
N MET A 458 6.75 5.88 -14.27
CA MET A 458 5.64 6.24 -15.15
C MET A 458 4.31 5.70 -14.63
N LYS A 459 4.32 4.80 -13.65
CA LYS A 459 3.08 4.38 -13.02
C LYS A 459 2.47 5.52 -12.22
N VAL A 460 3.27 6.18 -11.37
CA VAL A 460 2.80 7.33 -10.62
C VAL A 460 2.68 8.58 -11.48
N ASP A 461 3.18 8.53 -12.72
CA ASP A 461 2.95 9.63 -13.66
C ASP A 461 1.53 9.60 -14.19
N LEU A 462 1.15 8.50 -14.84
CA LEU A 462 -0.23 8.35 -15.32
C LEU A 462 -1.23 8.35 -14.18
N LEU A 463 -0.84 7.81 -13.02
CA LEU A 463 -1.74 7.83 -11.87
C LEU A 463 -2.03 9.25 -11.41
N THR A 464 -1.01 10.11 -11.42
CA THR A 464 -1.18 11.46 -10.88
C THR A 464 -2.19 12.27 -11.68
N PHE A 465 -2.19 12.12 -13.01
CA PHE A 465 -2.96 13.00 -13.87
C PHE A 465 -4.16 12.32 -14.52
N GLU A 466 -4.40 11.04 -14.25
CA GLU A 466 -5.59 10.37 -14.74
C GLU A 466 -6.60 10.03 -13.66
N LYS A 467 -6.15 9.77 -12.44
CA LYS A 467 -7.04 9.50 -11.32
C LYS A 467 -6.98 10.53 -10.20
N PHE A 468 -5.80 11.10 -9.95
CA PHE A 468 -5.63 12.05 -8.85
C PHE A 468 -5.99 13.47 -9.29
N LEU A 469 -5.18 14.05 -10.17
CA LEU A 469 -5.42 15.38 -10.71
C LEU A 469 -5.79 15.25 -12.19
N PRO A 470 -7.03 14.93 -12.51
CA PRO A 470 -7.41 14.70 -13.92
C PRO A 470 -7.51 16.01 -14.67
N LEU A 471 -6.87 16.05 -15.85
CA LEU A 471 -6.84 17.28 -16.64
C LEU A 471 -8.22 17.79 -16.98
N GLY A 472 -9.20 16.89 -17.12
CA GLY A 472 -10.48 17.26 -17.67
C GLY A 472 -11.46 17.97 -16.76
N LEU A 473 -10.99 18.52 -15.63
CA LEU A 473 -11.82 19.32 -14.75
C LEU A 473 -11.42 20.79 -14.84
N SER A 474 -12.17 21.64 -14.12
CA SER A 474 -12.07 23.09 -14.22
C SER A 474 -10.72 23.65 -13.78
N ASN A 475 -10.54 24.97 -13.95
CA ASN A 475 -9.37 25.63 -13.37
C ASN A 475 -9.48 25.73 -11.86
N GLU A 476 -10.70 25.78 -11.34
CA GLU A 476 -10.95 25.84 -9.90
C GLU A 476 -11.02 24.46 -9.27
N GLU A 477 -11.72 23.52 -9.92
CA GLU A 477 -11.71 22.13 -9.46
C GLU A 477 -10.32 21.53 -9.49
N PHE A 478 -9.39 22.12 -10.24
CA PHE A 478 -7.99 21.70 -10.19
C PHE A 478 -7.28 22.26 -8.98
N VAL A 479 -7.32 23.59 -8.81
CA VAL A 479 -6.71 24.23 -7.66
C VAL A 479 -7.27 23.66 -6.36
N GLN A 480 -8.53 23.26 -6.38
CA GLN A 480 -9.12 22.65 -5.18
C GLN A 480 -8.57 21.24 -4.96
N ARG A 481 -8.58 20.41 -6.01
CA ARG A 481 -8.11 19.04 -5.85
C ARG A 481 -6.62 19.00 -5.49
N LEU A 482 -5.81 19.84 -6.14
CA LEU A 482 -4.39 19.92 -5.81
C LEU A 482 -4.18 20.27 -4.34
N LEU A 483 -4.94 21.25 -3.84
CA LEU A 483 -4.77 21.70 -2.46
C LEU A 483 -5.07 20.57 -1.48
N THR A 484 -6.23 19.94 -1.61
CA THR A 484 -6.59 18.85 -0.70
C THR A 484 -5.67 17.65 -0.90
N LEU A 485 -5.32 17.35 -2.15
CA LEU A 485 -4.41 16.23 -2.42
C LEU A 485 -3.05 16.45 -1.77
N LEU A 486 -2.65 17.71 -1.58
CA LEU A 486 -1.35 18.01 -0.99
C LEU A 486 -1.40 18.11 0.53
N GLN A 487 -2.55 18.45 1.12
CA GLN A 487 -2.63 18.69 2.56
C GLN A 487 -2.38 17.44 3.42
N GLY A 488 -2.15 16.26 2.84
CA GLY A 488 -1.70 15.09 3.57
C GLY A 488 -0.26 14.73 3.40
N PHE A 489 0.54 15.55 2.75
CA PHE A 489 1.94 15.22 2.49
C PHE A 489 2.80 15.39 3.74
N ASN A 490 3.63 14.38 4.03
CA ASN A 490 4.70 14.58 5.00
C ASN A 490 5.89 15.27 4.33
N GLU A 491 6.88 15.66 5.13
CA GLU A 491 8.00 16.45 4.61
C GLU A 491 8.70 15.74 3.45
N LYS A 492 8.85 14.42 3.55
CA LYS A 492 9.58 13.64 2.56
C LYS A 492 8.84 13.53 1.23
N ALA A 493 7.51 13.59 1.24
CA ALA A 493 6.70 13.59 0.01
C ALA A 493 6.62 14.97 -0.63
N PHE A 494 6.52 16.03 0.18
CA PHE A 494 6.54 17.39 -0.35
C PHE A 494 7.76 17.61 -1.23
N SER A 495 8.88 17.00 -0.86
CA SER A 495 10.12 17.21 -1.60
C SER A 495 10.09 16.52 -2.96
N SER A 496 9.48 15.34 -3.03
CA SER A 496 9.31 14.68 -4.33
C SER A 496 8.33 15.44 -5.21
N PHE A 497 7.26 15.97 -4.61
CA PHE A 497 6.31 16.78 -5.36
C PHE A 497 6.98 17.99 -5.99
N TYR A 498 7.83 18.67 -5.22
CA TYR A 498 8.51 19.86 -5.75
C TYR A 498 9.61 19.50 -6.73
N ALA A 499 10.18 18.30 -6.60
CA ALA A 499 11.18 17.83 -7.56
C ALA A 499 10.54 17.44 -8.88
N PHE A 500 9.33 16.87 -8.83
CA PHE A 500 8.57 16.61 -10.04
C PHE A 500 8.40 17.88 -10.87
N ASN A 501 8.16 19.00 -10.19
CA ASN A 501 7.96 20.27 -10.89
C ASN A 501 9.28 20.90 -11.30
N ARG A 502 10.34 20.71 -10.51
CA ARG A 502 11.68 21.07 -10.97
C ARG A 502 12.05 20.27 -12.22
N ARG A 503 11.66 19.00 -12.24
CA ARG A 503 11.94 18.09 -13.34
C ARG A 503 10.91 18.16 -14.46
N GLN A 504 9.73 18.74 -14.20
CA GLN A 504 8.81 19.05 -15.29
C GLN A 504 9.31 20.25 -16.09
N ASP A 505 9.86 21.27 -15.41
CA ASP A 505 10.44 22.41 -16.11
C ASP A 505 11.63 21.99 -16.95
N GLN A 506 12.40 21.02 -16.47
CA GLN A 506 13.53 20.50 -17.24
C GLN A 506 13.06 19.67 -18.43
N MET A 507 12.02 18.87 -18.22
CA MET A 507 11.51 18.04 -19.31
C MET A 507 10.80 18.87 -20.37
N SER A 508 10.20 19.99 -19.98
CA SER A 508 9.56 20.87 -20.95
C SER A 508 10.56 21.36 -21.99
N THR A 509 11.79 21.63 -21.56
CA THR A 509 12.83 22.10 -22.48
C THR A 509 13.26 20.98 -23.44
N VAL A 510 13.55 19.79 -22.89
CA VAL A 510 14.01 18.67 -23.70
C VAL A 510 13.02 18.37 -24.82
N LEU A 511 11.72 18.44 -24.51
CA LEU A 511 10.70 18.18 -25.53
C LEU A 511 10.72 19.26 -26.60
N TRP A 512 10.93 20.52 -26.22
CA TRP A 512 11.02 21.58 -27.23
C TRP A 512 12.22 21.36 -28.14
N LYS A 513 13.38 21.05 -27.54
CA LYS A 513 14.57 20.76 -28.33
C LYS A 513 14.35 19.57 -29.26
N PHE A 514 13.63 18.55 -28.77
CA PHE A 514 13.33 17.40 -29.61
C PHE A 514 12.54 17.81 -30.85
N ILE A 515 11.62 18.75 -30.69
CA ILE A 515 10.84 19.22 -31.84
C ILE A 515 11.74 19.99 -32.79
N GLU A 516 12.55 20.91 -32.25
CA GLU A 516 13.45 21.69 -33.09
C GLU A 516 14.36 20.80 -33.93
N PHE A 517 14.82 19.69 -33.35
CA PHE A 517 15.62 18.74 -34.10
C PHE A 517 14.76 17.96 -35.08
N CYS A 518 13.53 17.63 -34.68
CA CYS A 518 12.62 16.93 -35.59
C CYS A 518 12.36 17.74 -36.84
N GLU A 519 12.20 19.06 -36.70
CA GLU A 519 11.96 19.91 -37.85
C GLU A 519 13.24 20.38 -38.53
N GLU A 520 14.39 20.27 -37.86
CA GLU A 520 15.66 20.57 -38.53
C GLU A 520 16.09 19.41 -39.42
N THR A 521 15.92 18.18 -38.95
CA THR A 521 16.36 17.01 -39.72
C THR A 521 15.53 16.81 -40.98
N ASN A 522 14.27 17.23 -40.96
CA ASN A 522 13.38 17.11 -42.11
C ASN A 522 13.22 18.51 -42.70
N SER A 523 14.24 18.95 -43.44
CA SER A 523 14.27 20.29 -43.99
C SER A 523 14.87 20.26 -45.39
N GLN A 524 14.37 21.15 -46.24
CA GLN A 524 14.97 21.39 -47.54
C GLN A 524 16.32 22.09 -47.42
N SER A 525 16.66 22.56 -46.23
CA SER A 525 17.95 23.20 -45.98
C SER A 525 19.08 22.19 -46.18
N PRO A 526 20.28 22.63 -46.56
CA PRO A 526 21.39 21.69 -46.69
C PRO A 526 21.92 21.16 -45.36
N ALA A 527 21.82 21.92 -44.28
CA ALA A 527 22.39 21.55 -42.99
C ALA A 527 21.53 20.57 -42.20
N ALA A 528 20.59 19.90 -42.85
CA ALA A 528 19.73 18.94 -42.16
C ALA A 528 20.52 17.67 -41.82
N SER A 529 21.27 17.14 -42.79
CA SER A 529 22.06 15.93 -42.57
C SER A 529 23.10 16.13 -41.49
N LEU A 530 23.43 17.37 -41.16
CA LEU A 530 24.33 17.69 -40.05
C LEU A 530 23.57 17.93 -38.74
N SER A 531 22.28 17.57 -38.70
CA SER A 531 21.44 17.84 -37.53
C SER A 531 20.79 16.60 -36.95
N ASP A 532 20.99 15.42 -37.54
CA ASP A 532 20.32 14.21 -37.07
C ASP A 532 21.11 13.45 -36.01
N THR A 533 22.41 13.71 -35.87
CA THR A 533 23.17 13.03 -34.82
C THR A 533 22.84 13.58 -33.44
N LYS A 534 22.52 14.87 -33.34
CA LYS A 534 21.99 15.40 -32.09
C LYS A 534 20.55 15.00 -31.87
N LEU A 535 19.84 14.62 -32.93
CA LEU A 535 18.51 14.02 -32.77
C LEU A 535 18.60 12.68 -32.07
N ILE A 536 19.48 11.79 -32.56
CA ILE A 536 19.62 10.47 -31.96
C ILE A 536 20.13 10.57 -30.54
N LYS A 537 20.97 11.57 -30.25
CA LYS A 537 21.43 11.77 -28.88
C LYS A 537 20.31 12.28 -27.98
N THR A 538 19.40 13.10 -28.54
CA THR A 538 18.22 13.50 -27.78
C THR A 538 17.24 12.33 -27.65
N VAL A 539 17.08 11.55 -28.72
CA VAL A 539 16.19 10.38 -28.67
C VAL A 539 16.69 9.39 -27.64
N GLU A 540 18.00 9.22 -27.52
CA GLU A 540 18.55 8.26 -26.55
C GLU A 540 18.34 8.73 -25.12
N TRP A 541 18.51 10.03 -24.87
CA TRP A 541 18.33 10.54 -23.51
C TRP A 541 16.89 10.34 -23.04
N ILE A 542 15.92 10.53 -23.94
CA ILE A 542 14.52 10.44 -23.54
C ILE A 542 14.12 8.99 -23.32
N SER A 543 14.48 8.10 -24.25
CA SER A 543 14.14 6.69 -24.11
C SER A 543 14.81 6.03 -22.91
N SER A 544 15.77 6.70 -22.26
CA SER A 544 16.39 6.15 -21.07
C SER A 544 15.52 6.32 -19.83
N GLY A 545 14.64 7.31 -19.81
CA GLY A 545 13.72 7.48 -18.71
C GLY A 545 12.50 6.59 -18.85
N PHE A 546 12.63 5.53 -19.62
CA PHE A 546 11.55 4.61 -19.93
C PHE A 546 12.03 3.17 -19.83
N PRO A 547 11.16 2.26 -19.41
CA PRO A 547 11.55 0.84 -19.33
C PRO A 547 11.99 0.30 -20.70
N SER A 548 13.01 -0.56 -20.65
CA SER A 548 13.67 -1.10 -21.84
C SER A 548 12.69 -1.68 -22.86
N HIS A 549 11.74 -2.48 -22.38
CA HIS A 549 10.78 -3.24 -23.20
C HIS A 549 9.86 -2.37 -24.03
N LEU A 550 9.97 -1.04 -24.10
CA LEU A 550 8.97 -0.21 -24.77
C LEU A 550 9.35 0.19 -26.18
N ASN A 551 10.65 0.19 -26.49
CA ASN A 551 11.18 0.68 -27.76
C ASN A 551 10.82 2.17 -27.96
N VAL A 552 11.06 2.95 -26.90
CA VAL A 552 10.85 4.40 -27.00
C VAL A 552 11.87 5.00 -27.96
N GLU A 553 13.03 4.35 -28.12
CA GLU A 553 13.99 4.78 -29.12
C GLU A 553 13.38 4.74 -30.52
N GLN A 554 12.49 3.80 -30.78
CA GLN A 554 11.81 3.71 -32.07
C GLN A 554 10.54 4.52 -32.14
N ILE A 555 9.85 4.70 -31.00
CA ILE A 555 8.63 5.49 -30.99
C ILE A 555 8.92 6.94 -31.36
N LEU A 556 9.99 7.50 -30.81
CA LEU A 556 10.37 8.86 -31.15
C LEU A 556 11.06 8.92 -32.51
N LEU A 557 11.82 7.88 -32.85
CA LEU A 557 12.43 7.82 -34.18
C LEU A 557 11.37 7.75 -35.27
N ALA A 558 10.22 7.14 -34.97
CA ALA A 558 9.13 7.09 -35.94
C ALA A 558 8.32 8.39 -35.94
N PHE A 559 8.23 9.06 -34.79
CA PHE A 559 7.50 10.32 -34.72
C PHE A 559 8.19 11.41 -35.53
N ARG A 560 9.51 11.32 -35.70
CA ARG A 560 10.21 12.25 -36.57
C ARG A 560 9.88 12.00 -38.03
N GLU A 561 9.79 10.72 -38.42
CA GLU A 561 9.49 10.35 -39.81
C GLU A 561 8.14 10.91 -40.24
N LEU A 562 7.23 11.11 -39.31
CA LEU A 562 5.85 11.53 -39.60
C LEU A 562 5.79 13.04 -39.33
N ASN A 563 6.09 13.82 -40.37
CA ASN A 563 6.33 15.25 -40.24
C ASN A 563 5.06 16.07 -40.12
N ASP A 564 4.17 15.68 -39.22
CA ASP A 564 3.00 16.50 -38.94
C ASP A 564 3.41 17.78 -38.24
N ARG A 565 3.22 18.92 -38.91
CA ARG A 565 3.41 20.21 -38.24
C ARG A 565 2.34 20.45 -37.20
N ARG A 566 1.19 19.80 -37.34
CA ARG A 566 0.16 19.79 -36.31
C ARG A 566 0.75 19.40 -34.95
N LEU A 567 1.32 18.20 -34.89
CA LEU A 567 1.84 17.67 -33.64
C LEU A 567 2.99 18.51 -33.11
N TYR A 568 3.83 19.02 -34.02
CA TYR A 568 4.89 19.94 -33.61
C TYR A 568 4.30 21.15 -32.89
N ARG A 569 3.35 21.82 -33.54
CA ARG A 569 2.67 22.95 -32.92
C ARG A 569 1.99 22.55 -31.62
N LEU A 570 1.24 21.44 -31.65
CA LEU A 570 0.49 21.01 -30.47
C LEU A 570 1.41 20.76 -29.28
N ILE A 571 2.49 20.00 -29.50
CA ILE A 571 3.40 19.68 -28.41
C ILE A 571 4.05 20.95 -27.87
N LYS A 572 4.55 21.81 -28.78
CA LYS A 572 5.13 23.08 -28.38
C LYS A 572 4.17 23.89 -27.50
N VAL A 573 2.90 23.93 -27.89
CA VAL A 573 1.93 24.74 -27.17
C VAL A 573 1.67 24.16 -25.78
N ALA A 574 1.48 22.85 -25.70
CA ALA A 574 1.14 22.23 -24.42
C ALA A 574 2.27 22.30 -23.40
N VAL A 575 3.52 22.46 -23.85
CA VAL A 575 4.68 22.40 -22.97
C VAL A 575 5.35 23.76 -22.81
N ALA A 576 4.80 24.82 -23.40
CA ALA A 576 5.34 26.15 -23.19
C ALA A 576 4.91 26.67 -21.83
N GLU A 577 5.87 27.15 -21.03
CA GLU A 577 5.61 27.51 -19.65
C GLU A 577 4.68 28.72 -19.53
N THR A 578 4.33 29.35 -20.64
CA THR A 578 3.42 30.48 -20.63
C THR A 578 1.95 30.06 -20.71
N SER A 579 1.66 28.88 -21.24
CA SER A 579 0.29 28.53 -21.62
C SER A 579 -0.64 28.53 -20.41
N LYS A 580 -1.86 29.03 -20.62
CA LYS A 580 -2.84 29.11 -19.55
C LYS A 580 -3.48 27.74 -19.29
N HIS A 581 -4.47 27.72 -18.40
CA HIS A 581 -5.10 26.46 -17.99
C HIS A 581 -5.70 25.73 -19.18
N LEU A 582 -6.50 26.44 -19.98
CA LEU A 582 -7.23 25.79 -21.06
C LEU A 582 -6.37 25.63 -22.31
N THR A 583 -5.36 26.48 -22.49
CA THR A 583 -4.48 26.35 -23.65
C THR A 583 -3.72 25.02 -23.61
N VAL A 584 -3.21 24.66 -22.43
CA VAL A 584 -2.55 23.37 -22.27
C VAL A 584 -3.52 22.23 -22.62
N ARG A 585 -4.73 22.30 -22.07
CA ARG A 585 -5.65 21.17 -22.15
C ARG A 585 -6.20 20.96 -23.56
N ASN A 586 -6.55 22.05 -24.26
CA ASN A 586 -6.98 21.92 -25.64
C ASN A 586 -5.86 21.36 -26.52
N ALA A 587 -4.60 21.62 -26.16
CA ALA A 587 -3.47 21.11 -26.94
C ALA A 587 -3.22 19.64 -26.66
N VAL A 588 -3.28 19.22 -25.40
CA VAL A 588 -3.02 17.82 -25.09
C VAL A 588 -4.17 16.93 -25.54
N SER A 589 -5.40 17.46 -25.62
CA SER A 589 -6.53 16.63 -26.02
C SER A 589 -6.52 16.37 -27.52
N GLU A 590 -6.31 17.43 -28.33
CA GLU A 590 -6.15 17.22 -29.76
C GLU A 590 -4.92 16.37 -30.06
N LEU A 591 -3.82 16.64 -29.38
CA LEU A 591 -2.60 15.84 -29.55
C LEU A 591 -2.85 14.37 -29.23
N PHE A 592 -3.77 14.08 -28.31
CA PHE A 592 -3.97 12.70 -27.89
C PHE A 592 -4.89 11.96 -28.85
N LYS A 593 -6.01 12.58 -29.23
CA LYS A 593 -6.82 12.02 -30.32
C LYS A 593 -5.98 11.79 -31.57
N ARG A 594 -5.27 12.85 -31.99
CA ARG A 594 -4.54 12.81 -33.25
C ARG A 594 -3.46 11.74 -33.25
N LEU A 595 -2.85 11.47 -32.09
CA LEU A 595 -1.71 10.57 -32.02
C LEU A 595 -2.08 9.10 -32.09
N GLU A 596 -3.37 8.75 -31.95
CA GLU A 596 -3.78 7.36 -31.90
C GLU A 596 -4.72 6.95 -33.04
N GLU A 597 -5.01 7.84 -33.99
CA GLU A 597 -5.85 7.47 -35.11
C GLU A 597 -5.18 6.34 -35.90
N PRO A 598 -5.92 5.30 -36.28
CA PRO A 598 -5.28 4.09 -36.82
C PRO A 598 -4.63 4.30 -38.18
N GLU A 599 -5.15 5.22 -38.99
CA GLU A 599 -4.55 5.45 -40.30
C GLU A 599 -3.29 6.30 -40.24
N LEU A 600 -3.05 6.99 -39.10
CA LEU A 600 -2.05 8.04 -39.03
C LEU A 600 -0.68 7.61 -39.55
N PHE A 601 -0.24 6.41 -39.20
CA PHE A 601 1.11 6.01 -39.60
C PHE A 601 1.16 5.59 -41.07
N ARG A 602 0.26 4.70 -41.48
CA ARG A 602 0.27 4.22 -42.86
C ARG A 602 -0.39 5.18 -43.84
N LYS A 603 -0.89 6.33 -43.37
CA LYS A 603 -1.40 7.34 -44.29
C LYS A 603 -0.27 8.00 -45.06
N LYS A 604 0.72 8.54 -44.34
CA LYS A 604 1.93 9.08 -44.96
C LYS A 604 2.94 8.00 -45.33
N ASN A 605 2.49 6.74 -45.40
CA ASN A 605 3.31 5.59 -45.76
C ASN A 605 4.48 5.44 -44.79
N ILE A 606 4.25 4.79 -43.66
CA ILE A 606 5.28 4.51 -42.66
C ILE A 606 5.18 3.03 -42.30
N LYS A 607 6.29 2.32 -42.40
CA LYS A 607 6.32 0.87 -42.24
C LYS A 607 6.58 0.51 -40.78
N ILE A 608 5.54 0.07 -40.09
CA ILE A 608 5.66 -0.48 -38.75
C ILE A 608 5.02 -1.86 -38.72
N GLU A 609 5.71 -2.82 -38.10
CA GLU A 609 5.14 -4.14 -37.87
C GLU A 609 5.69 -4.73 -36.58
N SER A 610 7.00 -4.59 -36.36
CA SER A 610 7.66 -5.10 -35.18
C SER A 610 8.44 -4.05 -34.40
N ARG A 611 8.73 -2.89 -35.00
CA ARG A 611 9.61 -1.92 -34.34
C ARG A 611 9.00 -1.40 -33.04
N PHE A 612 7.69 -1.16 -33.02
CA PHE A 612 7.04 -0.75 -31.78
C PHE A 612 5.55 -1.05 -31.87
N THR A 613 4.90 -1.00 -30.72
CA THR A 613 3.47 -1.25 -30.61
C THR A 613 2.73 0.09 -30.60
N ARG A 614 1.65 0.17 -31.40
CA ARG A 614 0.94 1.43 -31.53
C ARG A 614 0.27 1.85 -30.23
N ASP A 615 -0.19 0.88 -29.42
CA ASP A 615 -0.73 1.22 -28.10
C ASP A 615 0.34 1.83 -27.21
N ASN A 616 1.60 1.41 -27.38
CA ASN A 616 2.70 2.07 -26.68
C ASN A 616 2.92 3.47 -27.21
N PHE A 617 2.71 3.68 -28.51
CA PHE A 617 2.91 5.00 -29.11
C PHE A 617 1.99 6.06 -28.52
N SER A 618 0.87 5.65 -27.93
CA SER A 618 -0.03 6.59 -27.26
C SER A 618 0.34 6.79 -25.80
N THR A 619 0.75 5.72 -25.11
CA THR A 619 1.12 5.84 -23.71
C THR A 619 2.40 6.65 -23.52
N VAL A 620 3.42 6.36 -24.36
CA VAL A 620 4.71 7.03 -24.23
C VAL A 620 4.55 8.54 -24.31
N PHE A 621 3.74 9.01 -25.26
CA PHE A 621 3.52 10.44 -25.41
C PHE A 621 2.62 10.98 -24.31
N ARG A 622 1.70 10.16 -23.80
CA ARG A 622 0.94 10.58 -22.62
C ARG A 622 1.88 10.84 -21.45
N VAL A 623 2.77 9.89 -21.14
CA VAL A 623 3.75 10.08 -20.08
C VAL A 623 4.63 11.28 -20.38
N LEU A 624 5.14 11.36 -21.62
CA LEU A 624 5.98 12.48 -22.02
C LEU A 624 5.26 13.81 -21.87
N ILE A 625 3.95 13.83 -22.07
CA ILE A 625 3.20 15.07 -21.92
C ILE A 625 2.89 15.33 -20.46
N TYR A 626 2.51 14.29 -19.70
CA TYR A 626 2.24 14.46 -18.28
C TYR A 626 3.46 14.92 -17.50
N ARG A 627 4.65 14.79 -18.09
CA ARG A 627 5.89 15.25 -17.46
C ARG A 627 6.39 16.58 -18.00
N ALA A 628 5.87 17.04 -19.13
CA ALA A 628 6.35 18.27 -19.77
C ALA A 628 5.42 19.45 -19.65
N ALA A 629 4.11 19.23 -19.74
CA ALA A 629 3.18 20.35 -19.77
C ALA A 629 3.17 21.05 -18.41
N PRO A 630 3.03 22.39 -18.38
CA PRO A 630 2.76 23.06 -17.12
C PRO A 630 1.33 22.82 -16.65
N ILE A 631 1.13 21.83 -15.80
CA ILE A 631 -0.21 21.48 -15.34
C ILE A 631 -0.36 21.93 -13.90
N ILE A 632 0.54 21.48 -13.02
CA ILE A 632 0.48 21.86 -11.61
C ILE A 632 0.89 23.32 -11.43
N PHE A 633 2.12 23.65 -11.84
CA PHE A 633 2.60 25.03 -11.77
C PHE A 633 2.23 25.81 -13.02
N ASN A 634 0.94 25.84 -13.36
CA ASN A 634 0.46 26.59 -14.51
C ASN A 634 0.13 28.02 -14.07
N ILE A 635 0.45 28.97 -14.95
CA ILE A 635 0.26 30.39 -14.64
C ILE A 635 -1.19 30.70 -14.30
N SER A 636 -2.13 29.91 -14.81
CA SER A 636 -3.54 30.09 -14.46
C SER A 636 -3.78 29.79 -12.99
N ASN A 637 -2.98 28.92 -12.38
CA ASN A 637 -3.13 28.64 -10.96
C ASN A 637 -2.58 29.76 -10.08
N LEU A 638 -1.69 30.59 -10.62
CA LEU A 638 -0.95 31.56 -9.80
C LEU A 638 -1.83 32.55 -9.05
N PRO A 639 -2.99 33.01 -9.57
CA PRO A 639 -3.87 33.85 -8.75
C PRO A 639 -4.38 33.16 -7.50
N SER A 640 -5.00 31.98 -7.66
CA SER A 640 -5.63 31.29 -6.52
C SER A 640 -4.62 30.95 -5.43
N PHE A 641 -3.34 30.92 -5.75
CA PHE A 641 -2.32 30.77 -4.71
C PHE A 641 -2.08 32.10 -4.01
N LEU A 642 -2.04 33.20 -4.76
CA LEU A 642 -1.87 34.52 -4.16
C LEU A 642 -3.12 34.99 -3.43
N ASN A 643 -4.27 34.36 -3.70
CA ASN A 643 -5.52 34.74 -3.07
C ASN A 643 -5.88 33.73 -1.99
N THR A 644 -6.13 34.22 -0.78
CA THR A 644 -6.68 33.43 0.31
C THR A 644 -7.93 34.12 0.82
N SER A 645 -9.01 33.35 0.93
CA SER A 645 -10.32 33.90 1.27
C SER A 645 -10.40 34.34 2.72
N ASN A 649 -9.01 28.78 5.90
CA ASN A 649 -8.18 27.87 6.69
C ASN A 649 -6.73 28.31 6.70
N GLU A 650 -6.14 28.36 7.90
CA GLU A 650 -4.74 28.73 8.03
C GLU A 650 -3.81 27.60 7.57
N ASP A 651 -4.24 26.35 7.72
CA ASP A 651 -3.46 25.24 7.16
C ASP A 651 -3.41 25.31 5.64
N GLU A 652 -4.49 25.78 5.02
CA GLU A 652 -4.45 26.09 3.59
C GLU A 652 -3.59 27.31 3.33
N LYS A 653 -3.66 28.32 4.21
CA LYS A 653 -2.88 29.53 4.04
C LYS A 653 -1.39 29.25 4.10
N ALA A 654 -0.98 28.40 5.04
CA ALA A 654 0.43 27.98 5.09
C ALA A 654 0.79 27.04 3.96
N LEU A 655 -0.20 26.46 3.27
CA LEU A 655 0.04 25.60 2.12
C LEU A 655 0.20 26.39 0.83
N LYS A 656 -0.44 27.56 0.74
CA LYS A 656 -0.24 28.40 -0.44
C LYS A 656 1.05 29.20 -0.35
N ARG A 657 1.43 29.62 0.87
CA ARG A 657 2.73 30.24 1.05
C ARG A 657 3.85 29.29 0.66
N GLN A 658 3.66 28.00 0.94
CA GLN A 658 4.62 26.99 0.51
C GLN A 658 4.75 26.95 -1.01
N LEU A 659 3.61 26.94 -1.70
CA LEU A 659 3.62 26.75 -3.15
C LEU A 659 4.23 27.95 -3.87
N ILE A 660 3.78 29.16 -3.51
CA ILE A 660 4.29 30.39 -4.12
C ILE A 660 5.80 30.44 -4.03
N ASP A 661 6.34 30.07 -2.86
CA ASP A 661 7.78 30.12 -2.64
C ASP A 661 8.51 29.23 -3.66
N ASN A 662 8.17 27.95 -3.70
CA ASN A 662 8.85 27.01 -4.58
C ASN A 662 8.62 27.33 -6.06
N ILE A 663 7.51 28.00 -6.40
CA ILE A 663 7.30 28.39 -7.79
C ILE A 663 8.21 29.56 -8.17
N SER A 664 8.45 30.47 -7.24
CA SER A 664 9.45 31.52 -7.48
C SER A 664 10.84 30.94 -7.64
N ILE A 665 11.11 29.80 -7.01
CA ILE A 665 12.43 29.19 -7.08
C ILE A 665 12.60 28.30 -8.31
N ILE A 666 11.53 27.63 -8.75
CA ILE A 666 11.60 26.67 -9.85
C ILE A 666 11.22 27.30 -11.19
N LYS A 667 10.11 28.05 -11.22
CA LYS A 667 9.61 28.60 -12.48
C LYS A 667 9.21 30.06 -12.27
N PRO A 668 10.16 31.00 -12.45
CA PRO A 668 9.84 32.40 -12.20
C PRO A 668 9.21 33.12 -13.38
N GLY A 669 9.29 32.56 -14.60
CA GLY A 669 8.65 33.20 -15.73
C GLY A 669 7.14 33.26 -15.60
N ILE A 670 6.57 32.32 -14.86
CA ILE A 670 5.15 32.26 -14.54
C ILE A 670 4.65 33.59 -13.98
N PHE A 671 5.54 34.33 -13.31
CA PHE A 671 5.17 35.46 -12.48
C PHE A 671 5.11 36.78 -13.25
N LYS A 672 5.16 36.76 -14.58
CA LYS A 672 5.30 38.01 -15.32
C LYS A 672 4.10 38.94 -15.12
N ASP A 673 2.94 38.37 -14.77
CA ASP A 673 1.74 39.19 -14.59
C ASP A 673 1.67 39.82 -13.20
N GLN A 674 2.31 39.21 -12.21
CA GLN A 674 2.12 39.60 -10.82
C GLN A 674 3.27 40.41 -10.23
N VAL A 675 4.35 40.62 -10.98
CA VAL A 675 5.49 41.36 -10.44
C VAL A 675 5.07 42.77 -10.05
N LYS A 676 4.38 43.46 -10.95
CA LYS A 676 3.92 44.83 -10.65
C LYS A 676 2.92 44.84 -9.51
N ASN A 677 2.11 43.78 -9.39
CA ASN A 677 1.17 43.70 -8.27
C ASN A 677 1.88 43.49 -6.94
N LEU A 678 3.08 42.88 -6.96
CA LEU A 678 3.86 42.66 -5.75
C LEU A 678 4.74 43.85 -5.39
N VAL A 679 5.23 44.60 -6.38
CA VAL A 679 6.00 45.81 -6.08
C VAL A 679 5.10 46.93 -5.58
N THR A 680 3.79 46.77 -5.64
CA THR A 680 2.85 47.74 -5.09
C THR A 680 2.56 47.44 -3.61
N ILE A 681 2.25 46.19 -3.29
CA ILE A 681 2.01 45.81 -1.89
C ILE A 681 3.27 45.98 -1.07
N ILE A 682 4.44 45.98 -1.72
CA ILE A 682 5.69 46.30 -1.02
C ILE A 682 5.68 47.74 -0.52
N THR A 683 5.15 48.66 -1.32
CA THR A 683 5.11 50.06 -0.94
C THR A 683 3.84 50.40 -0.16
N THR A 693 -2.47 37.05 0.89
CA THR A 693 -1.95 35.75 1.31
C THR A 693 -0.64 35.90 2.05
N LEU A 694 0.42 36.24 1.32
CA LEU A 694 1.76 36.30 1.88
C LEU A 694 2.04 37.67 2.47
N SER A 695 2.83 37.70 3.53
CA SER A 695 3.10 38.90 4.28
C SER A 695 3.95 39.88 3.46
N LEU A 696 4.18 41.06 4.05
CA LEU A 696 5.01 42.07 3.40
C LEU A 696 6.42 41.55 3.17
N ALA A 697 6.93 40.75 4.12
CA ALA A 697 8.27 40.17 3.96
C ALA A 697 8.28 39.12 2.86
N GLU A 698 7.32 38.19 2.89
CA GLU A 698 7.23 37.18 1.84
C GLU A 698 6.98 37.79 0.47
N ALA A 699 6.42 39.00 0.42
CA ALA A 699 6.33 39.72 -0.85
C ALA A 699 7.71 40.12 -1.34
N MET A 700 8.59 40.54 -0.41
CA MET A 700 9.94 40.93 -0.81
C MET A 700 10.78 39.72 -1.18
N ARG A 701 10.56 38.58 -0.52
CA ARG A 701 11.30 37.38 -0.87
C ARG A 701 10.98 36.93 -2.29
N THR A 702 9.69 36.78 -2.60
CA THR A 702 9.26 36.36 -3.93
C THR A 702 9.86 37.27 -5.00
N VAL A 703 9.62 38.58 -4.89
CA VAL A 703 10.17 39.55 -5.83
C VAL A 703 11.67 39.36 -5.98
N TYR A 704 12.36 39.06 -4.88
CA TYR A 704 13.78 38.76 -4.96
C TYR A 704 14.02 37.43 -5.70
N LYS A 705 13.19 36.42 -5.42
CA LYS A 705 13.43 35.11 -6.00
C LYS A 705 13.26 35.11 -7.51
N ILE A 706 12.47 36.04 -8.05
CA ILE A 706 12.28 36.11 -9.50
C ILE A 706 13.46 36.76 -10.19
N SER A 707 14.18 37.65 -9.51
CA SER A 707 15.10 38.57 -10.16
C SER A 707 16.44 37.95 -10.55
N LYS A 708 16.73 36.71 -10.15
CA LYS A 708 17.96 36.07 -10.59
C LYS A 708 17.69 35.18 -11.81
N THR A 720 12.14 54.44 -8.11
CA THR A 720 12.22 55.47 -7.07
C THR A 720 11.78 54.99 -5.70
N PHE A 721 10.56 54.44 -5.61
CA PHE A 721 9.80 54.61 -4.35
C PHE A 721 9.80 53.49 -3.31
N PHE A 722 9.35 52.25 -3.53
CA PHE A 722 10.11 51.07 -3.98
C PHE A 722 11.58 51.10 -3.63
N PHE A 723 12.39 52.01 -4.14
CA PHE A 723 13.76 52.01 -3.65
C PHE A 723 13.92 52.90 -2.43
N GLN A 724 13.12 53.96 -2.32
CA GLN A 724 13.06 54.69 -1.07
C GLN A 724 12.33 53.88 -0.01
N LYS A 725 11.35 53.06 -0.42
CA LYS A 725 10.65 52.24 0.54
C LYS A 725 11.41 50.94 0.79
N LEU A 726 12.46 50.68 0.02
CA LEU A 726 13.32 49.56 0.30
C LEU A 726 14.49 49.94 1.20
N GLU A 727 14.98 51.17 1.08
CA GLU A 727 15.98 51.68 2.01
C GLU A 727 15.43 51.72 3.43
N ASP A 728 14.22 52.27 3.60
CA ASP A 728 13.58 52.40 4.90
C ASP A 728 13.21 51.06 5.53
N TYR A 729 13.42 49.94 4.85
CA TYR A 729 13.26 48.61 5.45
C TYR A 729 14.58 47.96 5.82
N ALA A 730 15.62 48.16 5.00
CA ALA A 730 16.93 47.62 5.32
C ALA A 730 17.48 48.22 6.62
N LYS A 731 17.06 49.44 6.95
CA LYS A 731 17.47 50.06 8.21
C LYS A 731 16.57 49.61 9.35
N GLU A 732 15.33 50.11 9.39
CA GLU A 732 14.45 49.98 10.54
C GLU A 732 13.34 48.96 10.32
N GLY A 733 13.60 47.92 9.52
CA GLY A 733 12.70 46.81 9.39
C GLY A 733 13.16 45.62 10.23
N ASN A 734 12.26 44.65 10.38
CA ASN A 734 12.60 43.46 11.15
C ASN A 734 13.51 42.56 10.31
N PRO A 735 14.21 41.61 10.95
CA PRO A 735 15.25 40.86 10.23
C PRO A 735 14.80 40.18 8.95
N LEU A 736 13.53 39.77 8.86
CA LEU A 736 13.09 39.14 7.60
C LEU A 736 12.84 40.19 6.52
N GLU A 737 12.24 41.33 6.88
CA GLU A 737 12.03 42.39 5.89
C GLU A 737 13.34 43.03 5.47
N ALA A 738 14.25 43.27 6.42
CA ALA A 738 15.51 43.96 6.13
C ALA A 738 16.46 43.08 5.32
N LYS A 739 16.44 41.77 5.56
CA LYS A 739 17.32 40.87 4.82
C LYS A 739 17.07 40.96 3.33
N TYR A 740 15.81 40.87 2.91
CA TYR A 740 15.48 40.88 1.50
C TYR A 740 15.38 42.29 0.94
N ALA A 741 15.15 43.29 1.80
CA ALA A 741 15.26 44.67 1.35
C ALA A 741 16.69 44.99 0.92
N ILE A 742 17.67 44.69 1.80
CA ILE A 742 19.07 44.88 1.43
C ILE A 742 19.52 43.86 0.40
N LYS A 743 18.82 42.74 0.25
CA LYS A 743 19.14 41.81 -0.82
C LYS A 743 18.65 42.33 -2.16
N LEU A 744 17.41 42.84 -2.21
CA LEU A 744 16.87 43.37 -3.46
C LEU A 744 17.66 44.58 -3.95
N LEU A 745 18.24 45.36 -3.04
CA LEU A 745 18.97 46.56 -3.44
C LEU A 745 20.26 46.20 -4.18
N GLY A 746 20.96 45.16 -3.71
CA GLY A 746 22.10 44.62 -4.43
C GLY A 746 21.80 44.13 -5.82
N LEU A 747 20.54 44.14 -6.25
CA LEU A 747 20.17 43.79 -7.61
C LEU A 747 19.95 45.01 -8.50
N ALA A 748 19.79 46.19 -7.88
CA ALA A 748 19.68 47.44 -8.60
C ALA A 748 20.96 47.74 -9.37
N PRO A 749 20.91 48.59 -10.41
CA PRO A 749 22.16 48.90 -11.12
C PRO A 749 23.16 49.66 -10.27
N ASN A 750 22.70 50.55 -9.38
CA ASN A 750 23.58 51.24 -8.45
C ASN A 750 23.58 50.50 -7.12
N ALA A 751 24.30 49.37 -7.10
CA ALA A 751 24.34 48.50 -5.93
C ALA A 751 25.12 49.14 -4.80
N ALA A 752 26.43 49.31 -4.98
CA ALA A 752 27.27 49.80 -3.90
C ALA A 752 26.90 51.20 -3.46
N GLU A 753 26.36 52.02 -4.37
CA GLU A 753 25.87 53.33 -3.98
C GLU A 753 24.68 53.22 -3.04
N TYR A 754 23.89 52.15 -3.18
CA TYR A 754 22.73 51.95 -2.31
C TYR A 754 23.13 51.24 -1.02
N LEU A 755 23.89 50.15 -1.13
CA LEU A 755 24.24 49.35 0.04
C LEU A 755 25.08 50.16 1.02
N SER A 756 26.18 50.75 0.54
CA SER A 756 27.04 51.57 1.40
C SER A 756 26.26 52.69 2.06
N GLU A 757 25.28 53.25 1.35
CA GLU A 757 24.43 54.27 1.95
C GLU A 757 23.58 53.73 3.07
N VAL A 758 23.31 52.43 3.09
CA VAL A 758 22.61 51.81 4.21
C VAL A 758 23.57 51.40 5.31
N ALA A 759 24.73 50.84 4.94
CA ALA A 759 25.75 50.43 5.89
C ALA A 759 26.16 51.59 6.78
N THR A 760 26.88 52.55 6.21
CA THR A 760 27.37 53.73 6.93
C THR A 760 26.24 54.50 7.61
N ALA A 761 24.99 54.15 7.33
CA ALA A 761 23.84 54.72 8.02
C ALA A 761 23.40 53.91 9.23
N ILE A 762 23.59 52.60 9.23
CA ILE A 762 23.19 51.79 10.37
C ILE A 762 24.29 51.64 11.41
N LEU A 763 25.55 51.79 11.03
CA LEU A 763 26.64 51.50 11.94
C LEU A 763 27.58 52.70 12.10
N PRO A 764 28.45 52.69 13.12
CA PRO A 764 28.71 51.73 14.21
C PRO A 764 27.47 51.34 15.02
N LEU A 765 27.42 50.08 15.44
CA LEU A 765 26.21 49.49 15.98
C LEU A 765 25.85 50.09 17.33
N ASP A 766 24.58 50.44 17.50
CA ASP A 766 24.03 50.76 18.82
C ASP A 766 23.45 49.47 19.39
N LEU A 767 24.14 48.88 20.37
CA LEU A 767 23.70 47.63 20.97
C LEU A 767 22.28 47.73 21.49
N LYS A 768 21.93 48.88 22.06
CA LYS A 768 20.64 49.05 22.72
C LYS A 768 19.49 49.31 21.75
N SER A 769 19.79 49.72 20.51
CA SER A 769 18.76 50.17 19.59
C SER A 769 17.80 49.04 19.25
N LYS A 770 16.55 49.40 18.99
CA LYS A 770 15.50 48.43 18.72
C LYS A 770 15.71 47.70 17.40
N HIS A 771 16.71 48.08 16.61
CA HIS A 771 16.95 47.47 15.30
C HIS A 771 18.30 46.77 15.26
N PHE A 772 18.87 46.42 16.42
CA PHE A 772 20.22 45.89 16.44
C PHE A 772 20.30 44.50 15.80
N ALA A 773 19.36 43.61 16.16
CA ALA A 773 19.33 42.28 15.56
C ALA A 773 19.17 42.36 14.05
N SER A 774 18.24 43.20 13.59
CA SER A 774 18.08 43.43 12.17
C SER A 774 19.35 43.99 11.55
N ASN A 775 20.06 44.85 12.31
CA ASN A 775 21.27 45.47 11.80
C ASN A 775 22.37 44.44 11.58
N VAL A 776 22.50 43.47 12.50
CA VAL A 776 23.53 42.45 12.35
C VAL A 776 23.29 41.62 11.10
N LEU A 777 22.02 41.37 10.78
CA LEU A 777 21.69 40.56 9.61
C LEU A 777 22.00 41.31 8.31
N VAL A 778 21.61 42.59 8.24
CA VAL A 778 21.91 43.40 7.06
C VAL A 778 23.40 43.41 6.80
N LEU A 779 24.20 43.59 7.85
CA LEU A 779 25.65 43.56 7.70
C LEU A 779 26.13 42.19 7.26
N ALA A 780 25.47 41.12 7.74
CA ALA A 780 25.84 39.78 7.30
C ALA A 780 25.55 39.59 5.82
N GLU A 781 24.52 40.26 5.30
CA GLU A 781 24.18 40.12 3.89
C GLU A 781 25.03 41.00 3.00
N ILE A 782 25.55 42.12 3.52
CA ILE A 782 26.46 42.94 2.74
C ILE A 782 27.82 42.27 2.63
N THR A 783 28.26 41.57 3.68
CA THR A 783 29.48 40.78 3.59
C THR A 783 29.37 39.73 2.48
N LYS A 784 28.18 39.15 2.31
CA LYS A 784 27.89 38.26 1.20
C LYS A 784 28.11 38.95 -0.14
N MET A 785 27.27 39.94 -0.45
CA MET A 785 27.29 40.61 -1.74
C MET A 785 28.61 41.33 -1.98
N GLN A 786 28.79 42.49 -1.35
CA GLN A 786 29.95 43.34 -1.58
C GLN A 786 30.72 43.55 -0.28
N PRO A 787 31.77 42.77 -0.02
CA PRO A 787 32.49 42.90 1.24
C PRO A 787 33.44 44.09 1.29
N GLN A 788 33.94 44.52 0.12
CA GLN A 788 34.84 45.67 0.09
C GLN A 788 34.17 46.92 0.66
N LEU A 789 32.84 46.94 0.71
CA LEU A 789 32.09 48.01 1.35
C LEU A 789 32.21 47.98 2.87
N LEU A 790 32.79 46.91 3.43
CA LEU A 790 32.90 46.74 4.87
C LEU A 790 34.30 46.36 5.32
N GLU A 791 35.29 46.40 4.42
CA GLU A 791 36.64 45.95 4.78
C GLU A 791 37.23 46.76 5.92
N LYS A 792 36.87 48.05 6.02
CA LYS A 792 37.41 48.89 7.08
C LYS A 792 36.91 48.46 8.44
N ASP A 793 35.60 48.53 8.66
CA ASP A 793 34.99 48.21 9.95
C ASP A 793 34.89 46.71 10.22
N SER A 794 35.39 45.86 9.32
CA SER A 794 35.17 44.42 9.43
C SER A 794 35.67 43.88 10.77
N THR A 795 36.94 44.15 11.10
CA THR A 795 37.50 43.61 12.33
C THR A 795 36.93 44.29 13.57
N GLU A 796 36.47 45.53 13.44
CA GLU A 796 35.91 46.23 14.58
C GLU A 796 34.55 45.64 14.98
N ILE A 797 33.67 45.43 13.99
CA ILE A 797 32.36 44.86 14.27
C ILE A 797 32.50 43.44 14.81
N VAL A 798 33.34 42.64 14.18
CA VAL A 798 33.56 41.27 14.61
C VAL A 798 33.93 41.23 16.09
N GLY A 799 34.85 42.09 16.50
CA GLY A 799 35.23 42.13 17.90
C GLY A 799 34.07 42.48 18.83
N LEU A 800 33.17 43.35 18.36
CA LEU A 800 32.02 43.73 19.18
C LEU A 800 31.06 42.57 19.38
N LEU A 801 30.76 41.81 18.32
CA LEU A 801 29.78 40.74 18.43
C LEU A 801 30.32 39.57 19.25
N ILE A 802 31.60 39.23 19.07
CA ILE A 802 32.19 38.18 19.89
C ILE A 802 32.16 38.55 21.37
N LYS A 803 32.35 39.84 21.68
CA LYS A 803 32.32 40.26 23.08
C LYS A 803 30.90 40.42 23.60
N ASP A 804 30.13 41.33 23.02
CA ASP A 804 28.88 41.80 23.60
C ASP A 804 27.65 41.02 23.17
N VAL A 805 27.77 40.06 22.26
CA VAL A 805 26.65 39.28 21.77
C VAL A 805 26.80 37.80 22.11
N LEU A 806 27.93 37.21 21.75
CA LEU A 806 28.11 35.77 21.91
C LEU A 806 28.71 35.39 23.26
N LEU A 807 29.80 36.05 23.66
CA LEU A 807 30.37 35.83 24.99
C LEU A 807 29.73 36.69 26.06
N SER A 808 28.82 37.59 25.69
CA SER A 808 27.99 38.29 26.66
C SER A 808 26.59 37.70 26.65
N ASN A 809 25.72 38.26 27.48
CA ASN A 809 24.38 37.69 27.66
C ASN A 809 23.47 38.67 28.40
N ASP A 810 22.54 39.31 27.69
CA ASP A 810 21.63 40.27 28.32
C ASP A 810 20.30 39.65 28.72
N VAL A 811 20.12 38.35 28.52
CA VAL A 811 19.07 37.56 29.17
C VAL A 811 19.73 36.26 29.63
N VAL A 812 19.74 36.03 30.93
CA VAL A 812 20.69 35.11 31.54
C VAL A 812 20.05 33.77 31.89
N GLY A 813 19.02 33.78 32.74
CA GLY A 813 18.52 32.57 33.35
C GLY A 813 17.44 31.86 32.56
N ASP A 814 16.98 30.76 33.12
CA ASP A 814 15.86 30.00 32.58
C ASP A 814 14.61 30.28 33.40
N GLU A 815 13.46 30.33 32.71
CA GLU A 815 12.17 30.33 33.39
C GLU A 815 11.42 29.07 33.02
N ASP A 816 10.47 28.71 33.88
CA ASP A 816 9.81 27.40 33.78
C ASP A 816 8.84 27.35 32.60
N ASP A 817 8.28 28.50 32.21
CA ASP A 817 7.22 28.53 31.21
C ASP A 817 7.72 29.11 29.89
N GLN A 818 8.81 28.56 29.35
CA GLN A 818 9.47 29.12 28.19
C GLN A 818 9.38 28.18 27.00
N GLN A 819 9.29 28.77 25.81
CA GLN A 819 9.37 28.06 24.55
C GLN A 819 10.55 27.10 24.54
N ALA A 820 10.30 25.83 24.25
CA ALA A 820 11.39 24.88 24.13
C ALA A 820 12.30 25.16 22.94
N TRP A 821 11.81 25.92 21.97
CA TRP A 821 12.51 26.03 20.69
C TRP A 821 11.94 27.19 19.89
N PHE A 822 12.80 27.80 19.07
CA PHE A 822 12.40 28.79 18.08
C PHE A 822 12.88 28.32 16.71
N SER A 823 11.94 28.12 15.79
CA SER A 823 12.33 27.83 14.42
C SER A 823 12.72 29.13 13.71
N ASP A 824 13.24 28.99 12.49
CA ASP A 824 13.83 30.13 11.79
C ASP A 824 12.82 31.26 11.61
N GLU A 825 11.55 30.91 11.39
CA GLU A 825 10.52 31.95 11.30
C GLU A 825 10.38 32.72 12.60
N ASP A 826 10.83 32.17 13.72
CA ASP A 826 10.70 32.85 15.00
C ASP A 826 11.77 33.91 15.18
N ILE A 827 13.04 33.57 14.97
CA ILE A 827 14.13 34.51 15.19
C ILE A 827 14.40 35.40 13.97
N TYR A 828 13.66 35.22 12.88
CA TYR A 828 13.72 36.17 11.77
C TYR A 828 12.66 37.26 11.90
N THR A 829 11.50 36.95 12.48
CA THR A 829 10.55 37.99 12.87
C THR A 829 11.00 38.73 14.13
N GLY A 830 12.01 38.21 14.82
CA GLY A 830 12.48 38.82 16.04
C GLY A 830 11.58 38.52 17.22
N LYS A 831 11.53 37.25 17.63
CA LYS A 831 10.81 36.87 18.84
C LYS A 831 11.76 36.82 20.02
N ALA A 832 12.66 35.83 20.01
CA ALA A 832 13.76 35.79 20.96
C ALA A 832 14.82 36.76 20.45
N ASP A 833 14.60 38.05 20.78
CA ASP A 833 15.42 39.13 20.22
C ASP A 833 16.90 38.90 20.50
N ALA A 834 17.24 38.51 21.73
CA ALA A 834 18.65 38.29 22.07
C ALA A 834 19.20 37.08 21.32
N LEU A 835 18.37 36.06 21.11
CA LEU A 835 18.84 34.88 20.38
C LEU A 835 19.08 35.20 18.91
N SER A 836 18.21 36.01 18.31
CA SER A 836 18.37 36.36 16.90
C SER A 836 19.70 37.07 16.67
N ALA A 837 20.02 38.05 17.53
CA ALA A 837 21.30 38.74 17.43
C ALA A 837 22.46 37.76 17.56
N LYS A 838 22.32 36.74 18.41
CA LYS A 838 23.34 35.69 18.48
C LYS A 838 23.39 34.90 17.19
N VAL A 839 22.22 34.58 16.61
CA VAL A 839 22.17 33.79 15.39
C VAL A 839 22.75 34.56 14.21
N PHE A 840 22.30 35.82 14.05
CA PHE A 840 22.78 36.63 12.94
C PHE A 840 24.28 36.88 13.03
N SER A 841 24.81 36.99 14.25
CA SER A 841 26.23 37.27 14.43
C SER A 841 27.09 36.09 13.97
N LEU A 842 26.57 34.87 14.07
CA LEU A 842 27.28 33.72 13.53
C LEU A 842 27.13 33.62 12.02
N LYS A 843 25.98 34.06 11.50
CA LYS A 843 25.78 34.12 10.05
C LYS A 843 26.76 35.09 9.41
N LEU A 844 27.08 36.20 10.09
CA LEU A 844 28.05 37.15 9.57
C LEU A 844 29.45 36.55 9.56
N PHE A 845 29.83 35.87 10.64
CA PHE A 845 31.13 35.20 10.67
C PHE A 845 31.23 34.16 9.56
N ALA A 846 30.16 33.39 9.35
CA ALA A 846 30.17 32.36 8.31
C ALA A 846 30.20 32.95 6.90
N ASN A 847 29.74 34.18 6.73
CA ASN A 847 29.81 34.83 5.41
C ASN A 847 31.21 35.35 5.14
N LYS A 848 31.86 35.92 6.16
CA LYS A 848 33.24 36.38 6.02
C LYS A 848 34.15 35.26 5.53
N ILE A 849 34.05 34.10 6.17
CA ILE A 849 34.89 32.96 5.79
C ILE A 849 34.60 32.50 4.37
N LYS A 850 33.34 32.59 3.95
CA LYS A 850 33.00 32.18 2.58
C LYS A 850 33.53 33.16 1.55
N VAL A 851 33.56 34.45 1.88
CA VAL A 851 34.07 35.45 0.95
C VAL A 851 35.60 35.41 0.90
N MET A 852 36.24 35.25 2.05
CA MET A 852 37.69 35.14 2.16
C MET A 852 38.24 33.82 1.64
N ALA A 853 37.46 33.02 0.91
CA ALA A 853 37.92 31.68 0.53
C ALA A 853 39.12 31.72 -0.42
N PRO A 854 39.12 32.51 -1.51
CA PRO A 854 40.30 32.51 -2.40
C PRO A 854 41.54 33.15 -1.78
N ASP A 855 41.43 33.78 -0.62
CA ASP A 855 42.57 34.35 0.09
C ASP A 855 42.84 33.54 1.34
N ALA A 856 43.21 32.27 1.12
CA ALA A 856 43.44 31.35 2.23
C ALA A 856 44.55 31.84 3.14
N HIS A 857 45.73 32.06 2.58
CA HIS A 857 46.93 32.41 3.33
C HIS A 857 47.43 33.81 3.07
N ALA A 858 46.89 34.51 2.08
CA ALA A 858 47.17 35.93 1.90
C ALA A 858 46.40 36.73 2.94
N ASP A 859 47.03 37.79 3.46
CA ASP A 859 46.50 38.56 4.58
C ASP A 859 46.25 37.65 5.76
N GLU A 860 47.26 37.47 6.62
CA GLU A 860 47.19 36.52 7.72
C GLU A 860 45.97 36.76 8.60
N MET A 861 45.48 38.00 8.64
CA MET A 861 44.23 38.29 9.33
C MET A 861 43.10 37.37 8.88
N THR A 862 43.07 37.04 7.58
CA THR A 862 42.06 36.10 7.10
C THR A 862 42.33 34.69 7.61
N HIS A 863 43.59 34.24 7.57
CA HIS A 863 43.91 32.92 8.08
C HIS A 863 43.62 32.80 9.57
N ALA A 864 43.95 33.84 10.34
CA ALA A 864 43.70 33.83 11.77
C ALA A 864 42.20 33.86 12.07
N PHE A 865 41.48 34.80 11.45
CA PHE A 865 40.06 34.95 11.73
C PHE A 865 39.27 33.70 11.37
N THR A 866 39.67 33.00 10.32
CA THR A 866 39.00 31.75 9.96
C THR A 866 39.25 30.68 11.02
N GLU A 867 40.53 30.43 11.34
CA GLU A 867 40.86 29.46 12.37
C GLU A 867 40.30 29.85 13.73
N ARG A 868 40.09 31.16 13.95
CA ARG A 868 39.54 31.62 15.22
C ARG A 868 38.05 31.30 15.33
N THR A 869 37.26 31.73 14.34
CA THR A 869 35.82 31.51 14.40
C THR A 869 35.45 30.05 14.16
N LEU A 870 36.26 29.31 13.40
CA LEU A 870 35.98 27.90 13.22
C LEU A 870 36.22 27.12 14.51
N LYS A 871 37.21 27.53 15.30
CA LYS A 871 37.36 26.96 16.63
C LYS A 871 36.21 27.38 17.54
N LEU A 872 35.60 28.53 17.28
CA LEU A 872 34.44 28.95 18.07
C LEU A 872 33.22 28.10 17.75
N PHE A 873 32.95 27.87 16.47
CA PHE A 873 31.83 27.02 16.07
C PHE A 873 31.95 25.64 16.70
N PHE A 874 33.12 25.01 16.57
CA PHE A 874 33.29 23.67 17.11
C PHE A 874 33.27 23.66 18.63
N TYR A 875 33.62 24.78 19.25
CA TYR A 875 33.46 24.91 20.69
C TYR A 875 32.00 25.06 21.09
N LEU A 876 31.14 25.48 20.17
CA LEU A 876 29.71 25.57 20.47
C LEU A 876 29.05 24.21 20.47
N VAL A 877 29.49 23.31 19.58
CA VAL A 877 28.91 21.97 19.52
C VAL A 877 29.34 21.16 20.74
N ALA A 878 30.62 21.21 21.09
CA ALA A 878 31.10 20.49 22.26
C ALA A 878 30.51 21.05 23.54
N SER A 879 30.39 22.38 23.63
CA SER A 879 29.82 22.98 24.83
C SER A 879 28.30 22.86 24.86
N GLY A 880 27.67 22.62 23.72
CA GLY A 880 26.22 22.49 23.68
C GLY A 880 25.50 23.80 23.89
N GLY A 881 26.04 24.89 23.32
CA GLY A 881 25.37 26.17 23.34
C GLY A 881 25.91 27.17 24.33
N GLU A 882 26.89 26.80 25.15
CA GLU A 882 27.39 27.67 26.22
C GLU A 882 28.79 28.16 25.89
N LEU A 883 28.91 29.45 25.61
CA LEU A 883 30.22 30.10 25.48
C LEU A 883 30.69 30.71 26.78
N VAL A 884 29.77 31.09 27.67
CA VAL A 884 30.14 31.63 28.97
C VAL A 884 30.86 30.55 29.79
N SER A 885 31.93 30.95 30.46
CA SER A 885 32.70 30.00 31.23
C SER A 885 31.89 29.48 32.41
N GLU A 886 32.30 28.31 32.91
CA GLU A 886 31.58 27.47 33.88
C GLU A 886 30.60 28.21 34.79
N SER A 887 31.04 29.31 35.40
CA SER A 887 30.17 30.10 36.27
C SER A 887 30.83 31.41 36.67
N ASN A 888 30.73 32.42 35.81
CA ASN A 888 31.22 33.76 36.09
C ASN A 888 30.03 34.70 35.97
N THR A 889 29.67 35.30 37.10
CA THR A 889 28.29 35.52 37.51
C THR A 889 27.32 36.03 36.43
N ASP A 890 27.03 37.33 36.45
CA ASP A 890 25.76 37.82 35.90
C ASP A 890 25.67 37.78 34.38
N ASN A 891 26.37 36.85 33.74
CA ASN A 891 26.14 36.51 32.35
C ASN A 891 25.99 35.01 32.19
N TYR A 892 25.48 34.35 33.23
CA TYR A 892 25.38 32.90 33.25
C TYR A 892 23.98 32.46 33.70
N PRO A 893 23.42 31.43 33.05
CA PRO A 893 24.02 30.75 31.89
C PRO A 893 23.58 31.39 30.58
N THR A 894 23.39 30.55 29.57
CA THR A 894 22.65 30.94 28.38
C THR A 894 21.31 30.22 28.44
N PRO A 895 20.18 30.94 28.38
CA PRO A 895 18.86 30.30 28.52
C PRO A 895 18.74 29.02 27.73
N ALA A 896 18.24 27.95 28.36
CA ALA A 896 18.27 26.64 27.72
C ALA A 896 17.58 26.63 26.37
N ASN A 897 16.65 27.55 26.15
CA ASN A 897 16.01 27.70 24.85
C ASN A 897 16.84 28.51 23.86
N TYR A 898 17.99 29.05 24.29
CA TYR A 898 18.95 29.61 23.35
C TYR A 898 20.03 28.60 22.96
N GLN A 899 20.43 27.74 23.90
CA GLN A 899 21.54 26.83 23.64
C GLN A 899 21.21 25.84 22.53
N ASN A 900 19.97 25.34 22.48
CA ASN A 900 19.58 24.42 21.42
C ASN A 900 19.73 25.07 20.05
N LYS A 901 19.25 26.31 19.91
CA LYS A 901 19.41 27.02 18.64
C LYS A 901 20.88 27.15 18.27
N LEU A 902 21.75 27.34 19.27
CA LEU A 902 23.13 27.65 18.98
C LEU A 902 23.98 26.41 18.71
N ARG A 903 23.64 25.26 19.31
CA ARG A 903 24.33 24.03 18.91
C ARG A 903 24.09 23.76 17.43
N CYS A 904 22.83 23.82 17.02
CA CYS A 904 22.47 23.49 15.64
C CYS A 904 22.99 24.55 14.66
N CYS A 905 22.92 25.83 15.04
CA CYS A 905 23.46 26.88 14.19
C CYS A 905 24.93 26.65 13.89
N ALA A 906 25.73 26.34 14.92
CA ALA A 906 27.14 26.07 14.70
C ALA A 906 27.36 24.86 13.82
N GLY A 907 26.52 23.83 13.97
CA GLY A 907 26.66 22.64 13.14
C GLY A 907 26.35 22.91 11.69
N LEU A 908 25.25 23.62 11.43
CA LEU A 908 24.86 23.91 10.05
C LEU A 908 25.87 24.82 9.36
N HIS A 909 26.55 25.66 10.13
CA HIS A 909 27.59 26.51 9.55
C HIS A 909 28.86 25.72 9.27
N ILE A 910 29.31 24.92 10.24
CA ILE A 910 30.42 23.99 10.00
C ILE A 910 30.13 23.13 8.78
N LEU A 911 28.85 22.75 8.59
CA LEU A 911 28.47 21.96 7.44
C LEU A 911 28.62 22.74 6.14
N LYS A 912 28.10 23.97 6.12
CA LYS A 912 28.17 24.78 4.90
C LYS A 912 29.61 25.18 4.55
N ILE A 913 30.45 25.42 5.58
CA ILE A 913 31.83 25.81 5.31
C ILE A 913 32.61 24.65 4.69
N THR A 914 32.24 23.41 5.02
CA THR A 914 32.93 22.26 4.45
C THR A 914 32.73 22.16 2.93
N LYS A 915 31.67 22.77 2.40
CA LYS A 915 31.47 22.78 0.95
C LYS A 915 32.63 23.48 0.25
N ILE A 916 33.24 24.48 0.88
CA ILE A 916 34.41 25.16 0.33
C ILE A 916 35.60 24.22 0.44
N ALA A 917 36.12 23.77 -0.71
CA ALA A 917 37.23 22.83 -0.69
C ALA A 917 38.53 23.47 -0.22
N SER A 918 38.67 24.78 -0.41
CA SER A 918 39.90 25.46 0.00
C SER A 918 39.95 25.71 1.50
N LEU A 919 38.97 25.23 2.27
CA LEU A 919 38.96 25.39 3.72
C LEU A 919 38.95 24.06 4.45
N SER A 920 39.25 22.96 3.77
CA SER A 920 39.37 21.67 4.46
C SER A 920 40.60 21.63 5.35
N ARG A 921 41.55 22.54 5.15
CA ARG A 921 42.74 22.57 5.99
C ARG A 921 42.41 22.89 7.44
N PHE A 922 41.42 23.76 7.66
CA PHE A 922 41.14 24.23 9.02
C PHE A 922 40.42 23.17 9.84
N ILE A 923 39.50 22.42 9.25
CA ILE A 923 38.82 21.36 9.97
C ILE A 923 39.75 20.16 10.09
N LYS A 924 39.94 19.68 11.31
CA LYS A 924 40.83 18.57 11.57
C LYS A 924 40.03 17.31 11.84
N PRO A 925 40.57 16.14 11.49
CA PRO A 925 39.82 14.88 11.64
C PRO A 925 39.19 14.69 13.01
N GLN A 926 39.74 15.30 14.06
CA GLN A 926 39.08 15.29 15.35
C GLN A 926 37.78 16.08 15.31
N ASP A 927 37.70 17.09 14.45
CA ASP A 927 36.55 18.00 14.47
C ASP A 927 35.33 17.40 13.79
N ILE A 928 35.53 16.65 12.70
CA ILE A 928 34.39 15.99 12.05
C ILE A 928 33.70 15.04 13.01
N SER A 929 34.43 14.49 13.98
CA SER A 929 33.85 13.63 14.99
C SER A 929 33.10 14.42 16.06
N LYS A 930 33.48 15.68 16.28
CA LYS A 930 32.79 16.52 17.25
C LYS A 930 31.31 16.71 16.92
N LEU A 931 30.92 16.45 15.66
CA LEU A 931 29.53 16.71 15.26
C LEU A 931 28.57 15.66 15.78
N MET A 932 29.06 14.50 16.23
CA MET A 932 28.20 13.42 16.70
C MET A 932 27.25 13.88 17.79
N ASN A 933 27.60 14.95 18.52
CA ASN A 933 26.72 15.49 19.53
C ASN A 933 25.37 15.86 18.95
N LEU A 934 25.36 16.50 17.78
CA LEU A 934 24.12 17.00 17.19
C LEU A 934 23.28 15.87 16.61
N VAL A 935 23.95 14.85 16.05
CA VAL A 935 23.23 13.69 15.50
C VAL A 935 22.41 13.01 16.59
N GLU A 936 22.97 12.92 17.79
CA GLU A 936 22.31 12.25 18.90
C GLU A 936 21.95 13.22 20.03
N ASP A 937 21.56 14.44 19.67
CA ASP A 937 21.28 15.45 20.69
C ASP A 937 19.96 15.14 21.40
N GLU A 938 19.84 15.67 22.62
CA GLU A 938 18.66 15.38 23.44
C GLU A 938 17.43 16.17 23.01
N SER A 939 17.54 17.04 22.02
CA SER A 939 16.40 17.77 21.47
C SER A 939 16.08 17.22 20.09
N LEU A 940 14.81 16.84 19.89
CA LEU A 940 14.38 16.30 18.60
C LEU A 940 14.59 17.29 17.46
N GLU A 941 14.54 18.59 17.77
CA GLU A 941 14.71 19.60 16.73
C GLU A 941 16.13 19.60 16.18
N VAL A 942 17.11 19.90 17.04
CA VAL A 942 18.51 19.91 16.61
C VAL A 942 18.92 18.56 16.05
N ARG A 943 18.28 17.48 16.51
CA ARG A 943 18.54 16.18 15.91
C ARG A 943 18.07 16.14 14.46
N SER A 944 16.77 16.32 14.24
CA SER A 944 16.22 16.26 12.89
C SER A 944 16.81 17.33 11.99
N SER A 945 16.85 18.58 12.48
CA SER A 945 17.31 19.71 11.65
C SER A 945 18.72 19.48 11.13
N PHE A 946 19.62 19.04 12.01
CA PHE A 946 20.99 18.76 11.60
C PHE A 946 21.04 17.59 10.62
N ILE A 947 20.46 16.46 11.01
CA ILE A 947 20.47 15.27 10.15
C ILE A 947 19.82 15.57 8.80
N GLY A 948 18.85 16.48 8.78
CA GLY A 948 18.26 16.91 7.52
C GLY A 948 19.26 17.58 6.62
N ARG A 949 19.88 18.68 7.09
CA ARG A 949 20.87 19.39 6.29
C ARG A 949 22.04 18.49 5.90
N LEU A 950 22.37 17.51 6.74
CA LEU A 950 23.45 16.59 6.38
C LEU A 950 23.05 15.69 5.23
N LYS A 951 21.87 15.05 5.32
CA LYS A 951 21.45 14.13 4.28
C LYS A 951 21.28 14.84 2.94
N ASP A 952 20.90 16.11 2.96
CA ASP A 952 20.77 16.86 1.72
C ASP A 952 22.13 17.08 1.06
N PHE A 953 23.10 17.58 1.82
CA PHE A 953 24.43 17.81 1.28
C PHE A 953 25.13 16.51 0.92
N LEU A 954 24.89 15.43 1.68
CA LEU A 954 25.54 14.16 1.41
C LEU A 954 25.06 13.54 0.10
N GLY A 955 23.81 13.80 -0.27
CA GLY A 955 23.25 13.24 -1.49
C GLY A 955 23.81 13.86 -2.76
N ASP A 956 23.81 15.19 -2.84
CA ASP A 956 24.21 15.92 -4.05
C ASP A 956 25.70 16.27 -4.07
N GLY A 957 26.54 15.49 -3.38
CA GLY A 957 27.98 15.65 -3.43
C GLY A 957 28.48 16.98 -2.90
N SER A 958 27.62 17.75 -2.25
CA SER A 958 28.04 19.04 -1.70
C SER A 958 29.07 18.89 -0.59
N ILE A 959 29.20 17.69 -0.03
CA ILE A 959 30.06 17.46 1.13
C ILE A 959 30.87 16.19 0.88
N SER A 960 32.13 16.21 1.28
CA SER A 960 33.01 15.05 1.10
C SER A 960 32.49 13.84 1.86
N ILE A 961 32.95 12.66 1.43
CA ILE A 961 32.53 11.40 2.04
C ILE A 961 32.95 11.32 3.51
N LYS A 962 33.94 12.12 3.91
CA LYS A 962 34.44 12.14 5.28
C LYS A 962 33.35 12.49 6.30
N PHE A 963 32.13 12.69 5.82
CA PHE A 963 30.97 12.93 6.67
C PHE A 963 29.92 11.83 6.59
N LEU A 964 29.91 11.04 5.51
CA LEU A 964 28.94 9.96 5.35
C LEU A 964 28.84 9.02 6.56
N PRO A 965 29.91 8.66 7.26
CA PRO A 965 29.72 7.81 8.45
C PRO A 965 28.92 8.47 9.57
N LEU A 966 28.87 9.81 9.61
CA LEU A 966 28.13 10.52 10.66
C LEU A 966 26.66 10.13 10.73
N VAL A 967 26.12 9.51 9.67
CA VAL A 967 24.69 9.26 9.60
C VAL A 967 24.26 8.13 10.53
N PHE A 968 25.09 7.10 10.69
CA PHE A 968 24.68 5.88 11.37
C PHE A 968 24.49 6.06 12.87
N PHE A 969 24.94 7.19 13.42
CA PHE A 969 24.71 7.50 14.82
C PHE A 969 23.30 8.02 15.06
N THR A 970 22.46 7.95 14.03
CA THR A 970 21.01 7.98 14.15
C THR A 970 20.45 6.64 14.60
N ALA A 971 21.31 5.69 14.97
CA ALA A 971 20.84 4.34 15.29
C ALA A 971 19.90 4.31 16.48
N TYR A 972 20.10 5.21 17.45
CA TYR A 972 19.29 5.26 18.65
C TYR A 972 18.06 6.15 18.50
N GLU A 973 17.79 6.67 17.29
CA GLU A 973 16.79 7.71 17.07
C GLU A 973 15.45 7.35 17.69
N PRO A 974 15.06 8.01 18.78
CA PRO A 974 13.83 7.64 19.49
C PRO A 974 12.55 8.14 18.84
N ASP A 975 12.59 8.59 17.60
CA ASP A 975 11.42 9.08 16.89
C ASP A 975 11.37 8.37 15.53
N GLN A 976 10.50 7.37 15.43
CA GLN A 976 10.41 6.61 14.19
C GLN A 976 9.83 7.42 13.03
N ALA A 977 9.21 8.57 13.32
CA ALA A 977 8.83 9.48 12.24
C ALA A 977 10.05 9.98 11.49
N LEU A 978 11.18 10.13 12.17
CA LEU A 978 12.44 10.52 11.55
C LEU A 978 13.43 9.38 11.41
N ARG A 979 13.37 8.37 12.30
CA ARG A 979 14.25 7.21 12.17
C ARG A 979 14.07 6.53 10.82
N THR A 980 12.84 6.43 10.34
CA THR A 980 12.60 5.81 9.03
C THR A 980 12.94 6.76 7.89
N SER A 981 12.87 8.07 8.12
CA SER A 981 13.29 9.03 7.09
C SER A 981 14.74 8.82 6.73
N THR A 982 15.60 8.63 7.73
CA THR A 982 16.99 8.28 7.46
C THR A 982 17.09 6.90 6.83
N LYS A 983 16.23 5.96 7.26
CA LYS A 983 16.21 4.63 6.65
C LYS A 983 15.88 4.72 5.17
N MET A 984 14.79 5.43 4.83
CA MET A 984 14.43 5.61 3.42
C MET A 984 15.50 6.40 2.67
N TRP A 985 16.31 7.19 3.38
CA TRP A 985 17.35 7.97 2.71
C TRP A 985 18.58 7.13 2.42
N ILE A 986 19.00 6.26 3.35
CA ILE A 986 20.14 5.39 3.09
C ILE A 986 19.82 4.41 1.97
N ASN A 987 18.57 3.97 1.86
CA ASN A 987 18.19 3.07 0.78
C ASN A 987 18.11 3.81 -0.54
N TYR A 988 17.49 5.00 -0.54
CA TYR A 988 17.42 5.79 -1.77
C TYR A 988 18.82 6.18 -2.24
N THR A 989 19.72 6.47 -1.31
CA THR A 989 21.08 6.85 -1.67
C THR A 989 21.91 5.68 -2.14
N LEU A 990 21.54 4.44 -1.76
CA LEU A 990 22.24 3.28 -2.29
C LEU A 990 22.01 3.12 -3.79
N SER A 991 20.82 3.49 -4.28
CA SER A 991 20.53 3.35 -5.70
C SER A 991 21.28 4.36 -6.55
N LYS A 992 21.43 5.58 -6.04
CA LYS A 992 22.20 6.61 -6.73
C LYS A 992 23.56 6.08 -7.13
N GLU A 993 23.88 6.13 -8.42
CA GLU A 993 24.97 5.35 -8.97
C GLU A 993 26.31 6.07 -9.00
N ASN A 994 26.36 7.35 -8.64
CA ASN A 994 27.65 7.91 -8.25
C ASN A 994 28.10 7.31 -6.93
N PHE A 995 27.13 6.99 -6.05
CA PHE A 995 27.43 6.19 -4.86
C PHE A 995 27.71 4.75 -5.22
N ARG A 996 26.98 4.20 -6.19
CA ARG A 996 27.03 2.76 -6.46
C ARG A 996 28.40 2.33 -6.96
N LYS A 997 28.93 3.02 -7.96
CA LYS A 997 30.25 2.68 -8.51
C LYS A 997 31.38 3.50 -7.91
N GLY A 998 31.06 4.57 -7.18
CA GLY A 998 32.01 5.11 -6.24
C GLY A 998 32.14 4.26 -4.99
N THR A 999 31.15 3.38 -4.74
CA THR A 999 31.18 2.42 -3.64
C THR A 999 31.39 3.10 -2.29
N PHE A 1000 30.78 4.28 -2.12
CA PHE A 1000 31.07 5.10 -0.96
C PHE A 1000 30.48 4.55 0.33
N PHE A 1001 29.53 3.62 0.25
CA PHE A 1001 28.91 3.10 1.47
C PHE A 1001 29.65 1.91 2.05
N GLU A 1002 30.38 1.16 1.23
CA GLU A 1002 31.24 0.10 1.74
C GLU A 1002 32.61 0.64 2.13
N ARG A 1003 33.15 1.57 1.33
CA ARG A 1003 34.45 2.19 1.65
C ARG A 1003 34.37 3.07 2.89
N ALA A 1004 33.17 3.48 3.31
CA ALA A 1004 33.04 4.38 4.45
C ALA A 1004 33.23 3.67 5.79
N LEU A 1005 32.99 2.36 5.83
CA LEU A 1005 33.07 1.63 7.09
C LEU A 1005 34.39 1.80 7.83
N PRO A 1006 35.55 1.83 7.17
CA PRO A 1006 36.79 2.16 7.90
C PRO A 1006 36.71 3.46 8.69
N ARG A 1007 36.25 4.55 8.06
CA ARG A 1007 36.10 5.80 8.79
C ARG A 1007 35.04 5.69 9.88
N LEU A 1008 34.06 4.80 9.70
CA LEU A 1008 33.05 4.60 10.74
C LEU A 1008 33.67 3.99 11.99
N ILE A 1009 34.63 3.07 11.81
CA ILE A 1009 35.27 2.43 12.96
C ILE A 1009 36.11 3.44 13.74
N HIS A 1010 36.93 4.21 13.03
CA HIS A 1010 37.67 5.28 13.69
C HIS A 1010 36.72 6.33 14.26
N PHE A 1011 35.55 6.49 13.65
CA PHE A 1011 34.51 7.34 14.23
C PHE A 1011 33.92 6.69 15.48
N ILE A 1012 33.52 5.42 15.38
CA ILE A 1012 32.85 4.74 16.48
C ILE A 1012 33.77 4.53 17.67
N ALA A 1013 35.09 4.53 17.46
CA ALA A 1013 36.01 4.22 18.55
C ALA A 1013 36.02 5.33 19.59
N HIS A 1014 36.33 6.56 19.16
CA HIS A 1014 36.45 7.68 20.08
C HIS A 1014 35.10 8.30 20.45
N HIS A 1015 34.01 7.58 20.20
CA HIS A 1015 32.71 7.95 20.74
C HIS A 1015 32.79 8.00 22.27
N PRO A 1016 32.38 9.09 22.90
CA PRO A 1016 32.47 9.17 24.38
C PRO A 1016 31.72 8.07 25.10
N ASP A 1017 30.53 7.69 24.61
CA ASP A 1017 29.81 6.56 25.21
C ASP A 1017 30.53 5.24 25.01
N VAL A 1018 31.52 5.20 24.12
CA VAL A 1018 32.45 4.07 24.01
C VAL A 1018 33.84 4.43 24.52
N ALA A 1019 34.13 5.71 24.72
CA ALA A 1019 35.44 6.11 25.23
C ALA A 1019 35.62 5.66 26.67
N GLU A 1020 34.57 5.80 27.50
CA GLU A 1020 34.63 5.32 28.88
C GLU A 1020 34.88 3.82 28.92
N GLY A 1021 34.18 3.07 28.08
CA GLY A 1021 34.28 1.62 28.15
C GLY A 1021 35.65 1.10 27.78
N LEU A 1022 36.19 1.55 26.65
CA LEU A 1022 37.40 0.92 26.16
C LEU A 1022 38.64 1.30 26.95
N ARG A 1023 38.48 2.12 27.99
CA ARG A 1023 39.56 2.42 28.93
C ARG A 1023 39.56 1.47 30.12
N LEU A 1024 38.41 1.28 30.75
CA LEU A 1024 38.30 0.50 31.98
C LEU A 1024 37.94 -0.96 31.69
N PHE A 1029 32.63 -1.61 31.38
CA PHE A 1029 33.29 -1.96 30.14
C PHE A 1029 32.28 -2.42 29.09
N LEU A 1030 31.52 -3.47 29.44
CA LEU A 1030 30.54 -4.01 28.50
C LEU A 1030 29.51 -2.95 28.10
N THR A 1031 29.08 -2.12 29.06
CA THR A 1031 28.12 -1.06 28.73
C THR A 1031 28.71 -0.03 27.78
N GLY A 1032 30.02 0.04 27.68
CA GLY A 1032 30.66 0.88 26.69
C GLY A 1032 30.84 0.15 25.37
N LEU A 1033 31.18 -1.14 25.46
CA LEU A 1033 31.40 -1.92 24.25
C LEU A 1033 30.09 -2.46 23.66
N THR A 1034 29.01 -2.50 24.44
CA THR A 1034 27.73 -2.92 23.88
C THR A 1034 27.11 -1.84 23.01
N THR A 1035 27.35 -0.57 23.31
CA THR A 1035 26.78 0.50 22.49
C THR A 1035 27.42 0.55 21.11
N ALA A 1036 28.68 0.13 21.01
CA ALA A 1036 29.34 0.09 19.71
C ALA A 1036 28.80 -1.02 18.81
N ILE A 1037 28.08 -1.99 19.37
CA ILE A 1037 27.54 -3.08 18.56
C ILE A 1037 26.28 -2.67 17.82
N ASP A 1038 25.47 -1.78 18.39
CA ASP A 1038 24.28 -1.30 17.71
C ASP A 1038 24.63 -0.61 16.40
N TYR A 1039 25.61 0.29 16.44
CA TYR A 1039 25.99 1.03 15.23
C TYR A 1039 26.48 0.09 14.15
N LEU A 1040 27.28 -0.92 14.52
CA LEU A 1040 27.85 -1.82 13.53
C LEU A 1040 26.80 -2.67 12.86
N VAL A 1041 25.74 -3.04 13.57
CA VAL A 1041 24.64 -3.77 12.95
C VAL A 1041 23.61 -2.83 12.33
N PHE A 1042 23.50 -1.59 12.85
CA PHE A 1042 22.72 -0.57 12.16
C PHE A 1042 23.33 -0.29 10.79
N TYR A 1043 24.65 -0.13 10.74
CA TYR A 1043 25.35 -0.05 9.46
C TYR A 1043 25.13 -1.32 8.65
N ALA A 1044 25.32 -2.48 9.28
CA ALA A 1044 25.16 -3.74 8.57
C ALA A 1044 23.71 -3.96 8.13
N ASP A 1045 22.75 -3.40 8.86
CA ASP A 1045 21.37 -3.49 8.43
C ASP A 1045 21.14 -2.73 7.13
N SER A 1046 22.05 -1.84 6.74
CA SER A 1046 21.89 -1.03 5.54
C SER A 1046 22.76 -1.49 4.38
N VAL A 1047 23.67 -2.44 4.60
CA VAL A 1047 24.52 -2.99 3.53
C VAL A 1047 24.54 -4.50 3.68
N LEU A 1048 24.30 -5.21 2.59
CA LEU A 1048 23.94 -6.64 2.67
C LEU A 1048 25.17 -7.54 2.45
N LYS A 1049 25.03 -8.60 1.66
CA LYS A 1049 25.97 -9.71 1.60
C LYS A 1049 26.65 -9.89 0.25
N ALA A 1050 26.00 -9.54 -0.84
CA ALA A 1050 26.44 -9.87 -2.20
C ALA A 1050 27.87 -9.42 -2.49
N SER A 1051 28.03 -8.19 -2.97
CA SER A 1051 29.37 -7.66 -3.20
C SER A 1051 30.06 -7.29 -1.90
N ASN A 1052 29.30 -7.16 -0.81
CA ASN A 1052 29.79 -6.48 0.39
C ASN A 1052 30.62 -7.39 1.27
N LEU A 1053 30.06 -8.56 1.64
CA LEU A 1053 30.67 -9.39 2.69
C LEU A 1053 32.13 -9.69 2.41
N ALA A 1054 32.47 -9.99 1.15
CA ALA A 1054 33.86 -10.25 0.80
C ALA A 1054 34.71 -9.00 0.91
N LEU A 1055 34.14 -7.84 0.62
CA LEU A 1055 34.88 -6.58 0.63
C LEU A 1055 34.71 -5.80 1.93
N LEU A 1056 33.54 -5.90 2.58
CA LEU A 1056 33.35 -5.24 3.87
C LEU A 1056 34.34 -5.77 4.92
N TYR A 1057 34.59 -7.08 4.91
CA TYR A 1057 35.57 -7.63 5.83
C TYR A 1057 37.00 -7.33 5.36
N TYR A 1058 37.21 -7.34 4.04
CA TYR A 1058 38.48 -6.96 3.44
C TYR A 1058 38.97 -5.65 4.06
N LEU A 1059 38.05 -4.71 4.27
CA LEU A 1059 38.41 -3.44 4.90
C LEU A 1059 38.51 -3.58 6.42
N ALA A 1060 37.58 -4.33 7.03
CA ALA A 1060 37.59 -4.50 8.48
C ALA A 1060 38.88 -5.14 8.98
N GLY A 1061 39.63 -5.81 8.10
CA GLY A 1061 40.93 -6.32 8.46
C GLY A 1061 42.04 -5.33 8.17
N ARG A 1062 41.96 -4.65 7.02
CA ARG A 1062 42.98 -3.68 6.63
C ARG A 1062 43.17 -2.58 7.65
N VAL A 1063 42.16 -2.31 8.49
CA VAL A 1063 42.30 -1.27 9.51
C VAL A 1063 43.19 -1.67 10.67
N ARG A 1064 43.58 -2.93 10.77
CA ARG A 1064 44.47 -3.35 11.84
C ARG A 1064 45.90 -2.92 11.59
N GLN A 1065 46.28 -2.70 10.32
CA GLN A 1065 47.65 -2.43 9.94
C GLN A 1065 48.01 -0.96 9.95
N TYR A 1066 47.17 -0.10 10.53
CA TYR A 1066 47.43 1.34 10.50
C TYR A 1066 47.53 1.91 11.92
N UNK A 1067 28.61 -13.10 20.78
CA UNK A 1067 27.40 -13.89 21.00
C UNK A 1067 26.17 -13.01 20.95
N UNK A 1068 26.16 -11.95 21.76
CA UNK A 1068 25.03 -11.03 21.83
C UNK A 1068 24.80 -10.31 20.50
N UNK A 1069 25.82 -10.33 19.64
CA UNK A 1069 25.71 -9.77 18.30
C UNK A 1069 24.65 -10.50 17.50
N UNK A 1070 24.63 -11.83 17.62
CA UNK A 1070 23.67 -12.66 16.91
C UNK A 1070 22.27 -12.53 17.54
N UNK A 1071 22.24 -12.22 18.84
CA UNK A 1071 20.98 -12.05 19.55
C UNK A 1071 20.27 -10.79 19.07
N UNK A 1072 21.04 -9.71 18.90
CA UNK A 1072 20.50 -8.46 18.37
C UNK A 1072 20.17 -8.64 16.89
N UNK A 1073 20.93 -9.51 16.23
CA UNK A 1073 20.73 -9.78 14.82
C UNK A 1073 19.41 -10.51 14.58
N UNK A 1074 19.07 -11.45 15.47
CA UNK A 1074 17.84 -12.21 15.36
C UNK A 1074 16.62 -11.30 15.42
N UNK A 1075 16.56 -10.46 16.44
CA UNK A 1075 15.46 -9.52 16.60
C UNK A 1075 15.50 -8.45 15.52
N UNK A 1076 45.11 0.31 18.92
CA UNK A 1076 44.44 -0.11 20.14
C UNK A 1076 42.96 0.20 20.09
N UNK A 1077 42.63 1.47 20.32
CA UNK A 1077 41.25 1.96 20.30
C UNK A 1077 40.59 1.67 18.95
N UNK A 1078 41.38 1.76 17.89
CA UNK A 1078 40.89 1.53 16.54
C UNK A 1078 40.96 0.06 16.15
N UNK A 1079 41.87 -0.67 16.78
CA UNK A 1079 42.17 -2.04 16.37
C UNK A 1079 41.26 -3.11 16.99
N UNK A 1080 40.54 -2.75 18.05
CA UNK A 1080 39.69 -3.72 18.74
C UNK A 1080 38.21 -3.50 18.42
N UNK A 1081 37.85 -2.27 18.09
CA UNK A 1081 36.53 -1.97 17.54
C UNK A 1081 36.53 -2.43 16.10
N UNK A 1082 37.75 -2.65 15.59
CA UNK A 1082 37.97 -3.19 14.26
C UNK A 1082 37.61 -4.67 14.22
N UNK A 1083 37.91 -5.37 15.31
CA UNK A 1083 37.67 -6.80 15.39
C UNK A 1083 36.20 -7.11 15.69
N UNK A 1084 35.58 -6.26 16.50
CA UNK A 1084 34.18 -6.43 16.86
C UNK A 1084 33.28 -6.25 15.64
N UNK A 1085 33.62 -5.28 14.79
CA UNK A 1085 32.90 -5.04 13.55
C UNK A 1085 33.03 -6.25 12.64
N UNK A 1086 34.22 -6.82 12.63
CA UNK A 1086 34.54 -7.98 11.80
C UNK A 1086 33.69 -9.20 12.18
N UNK A 1087 33.30 -9.26 13.45
CA UNK A 1087 32.53 -10.38 13.96
C UNK A 1087 31.05 -10.25 13.65
N UNK A 1088 30.58 -9.01 13.52
CA UNK A 1088 29.17 -8.75 13.23
C UNK A 1088 28.81 -9.16 11.81
N UNK A 1089 29.82 -9.38 10.98
CA UNK A 1089 29.63 -9.81 9.60
C UNK A 1089 29.52 -11.33 9.52
#